data_4JBL
#
_entry.id   4JBL
#
_cell.length_a   80.417
_cell.length_b   80.417
_cell.length_c   112.235
_cell.angle_alpha   90.00
_cell.angle_beta   90.00
_cell.angle_gamma   90.00
#
_symmetry.space_group_name_H-M   'P 41'
#
loop_
_entity.id
_entity.type
_entity.pdbx_description
1 polymer 'Cysteine synthase'
2 non-polymer 'SULFATE ION'
3 non-polymer METHIONINE
4 water water
#
_entity_poly.entity_id   1
_entity_poly.type   'polypeptide(L)'
_entity_poly.pdbx_seq_one_letter_code
;MEQISISSPRKRIYHNILETIGGTPLVELHGVTEHPRIKKGTRILVKLEYFNPMSSV(LLP)DRVGFNIVYQAIKDGRLK
PGMEIIESTSGNTGIALCQAGAVFGYRVNIAMPSTMSVERQMIMKAFGAELILTEGKKGMPGAIEEVNKMIKENPGKYFV
ANQFGNPDNTAAHHYTANEIWEDTDGEVDIVVSAVGTSGTVIGVAEKLKEKKKGIKIIAVEPEESAVLEGKAKGPHGIQG
IGAGFIPDIYKKEFVDEIIPIKTQDAWKMARAVVKYDGIMCGMSSGAAILAGLKEAEKPENEGKTIVIIVPSCGERYLST
DLYKIKDEGTKIQILDSLLNEHH
;
_entity_poly.pdbx_strand_id   A,B
#
# COMPACT_ATOMS: atom_id res chain seq x y z
N MET A 1 -15.99 -17.13 -18.48
CA MET A 1 -15.41 -16.28 -17.39
C MET A 1 -15.53 -14.80 -17.77
N GLU A 2 -16.03 -13.99 -16.82
CA GLU A 2 -16.25 -12.54 -17.03
C GLU A 2 -15.03 -11.69 -17.52
N GLN A 3 -15.33 -10.60 -18.19
CA GLN A 3 -14.28 -9.69 -18.53
C GLN A 3 -13.88 -9.07 -17.13
N ILE A 4 -12.58 -8.98 -16.87
CA ILE A 4 -12.06 -8.31 -15.71
C ILE A 4 -11.40 -7.04 -16.30
N SER A 5 -11.78 -5.86 -15.84
CA SER A 5 -11.07 -4.68 -16.33
C SER A 5 -10.44 -3.94 -15.17
N ILE A 6 -9.32 -3.29 -15.45
CA ILE A 6 -8.64 -2.68 -14.35
C ILE A 6 -9.19 -1.29 -14.26
N SER A 7 -8.65 -0.48 -13.32
CA SER A 7 -9.13 0.85 -13.02
C SER A 7 -8.74 1.82 -14.08
N SER A 8 -9.61 2.80 -14.31
CA SER A 8 -9.39 3.89 -15.25
C SER A 8 -8.50 4.96 -14.66
N PRO A 9 -7.95 5.84 -15.52
CA PRO A 9 -7.07 6.90 -15.03
C PRO A 9 -7.77 7.77 -14.03
N ARG A 10 -7.07 8.24 -12.99
CA ARG A 10 -7.75 9.15 -12.02
C ARG A 10 -8.11 10.50 -12.64
N LYS A 11 -7.47 10.87 -13.74
CA LYS A 11 -7.70 12.24 -14.34
C LYS A 11 -7.53 13.41 -13.35
N ARG A 12 -6.44 13.42 -12.61
CA ARG A 12 -6.20 14.43 -11.56
C ARG A 12 -4.65 14.39 -11.52
N ILE A 13 -4.05 15.54 -11.27
CA ILE A 13 -2.71 15.61 -10.69
C ILE A 13 -2.83 16.12 -9.28
N TYR A 14 -2.24 15.38 -8.33
CA TYR A 14 -2.39 15.65 -6.91
C TYR A 14 -1.31 16.64 -6.49
N HIS A 15 -1.68 17.67 -5.69
CA HIS A 15 -0.71 18.73 -5.37
C HIS A 15 0.37 18.18 -4.44
N ASN A 16 -0.01 17.17 -3.64
CA ASN A 16 0.90 16.51 -2.66
C ASN A 16 0.23 15.24 -2.22
N ILE A 17 0.92 14.40 -1.48
CA ILE A 17 0.44 13.04 -1.16
C ILE A 17 -0.82 13.04 -0.30
N LEU A 18 -1.07 14.10 0.46
CA LEU A 18 -2.27 14.12 1.31
C LEU A 18 -3.52 14.17 0.50
N GLU A 19 -3.44 14.68 -0.75
CA GLU A 19 -4.64 14.69 -1.60
C GLU A 19 -5.04 13.31 -2.08
N THR A 20 -4.15 12.32 -1.91
CA THR A 20 -4.48 10.94 -2.35
C THR A 20 -5.12 10.10 -1.20
N ILE A 21 -5.30 10.74 -0.06
CA ILE A 21 -5.98 10.09 1.07
C ILE A 21 -7.45 9.96 0.77
N GLY A 22 -8.07 8.90 1.26
CA GLY A 22 -9.49 8.71 1.01
C GLY A 22 -9.85 8.16 -0.37
N GLY A 23 -11.15 8.13 -0.66
CA GLY A 23 -11.67 7.55 -1.92
C GLY A 23 -11.16 6.13 -2.07
N THR A 24 -11.29 5.38 -1.00
CA THR A 24 -10.73 4.02 -0.99
C THR A 24 -11.76 3.03 -1.62
N PRO A 25 -11.23 1.91 -2.20
CA PRO A 25 -12.13 1.07 -3.01
C PRO A 25 -13.00 0.09 -2.21
N LEU A 26 -14.19 -0.16 -2.77
CA LEU A 26 -15.12 -1.06 -2.17
C LEU A 26 -15.13 -2.29 -3.06
N VAL A 27 -14.80 -3.46 -2.49
CA VAL A 27 -14.50 -4.62 -3.31
C VAL A 27 -15.41 -5.75 -2.82
N GLU A 28 -15.99 -6.50 -3.75
CA GLU A 28 -16.77 -7.68 -3.40
C GLU A 28 -15.90 -8.84 -2.96
N LEU A 29 -16.35 -9.54 -1.92
CA LEU A 29 -15.73 -10.81 -1.53
C LEU A 29 -16.51 -11.89 -2.22
N HIS A 30 -15.87 -12.99 -2.58
CA HIS A 30 -16.52 -14.13 -3.30
C HIS A 30 -15.96 -15.40 -2.69
N GLY A 31 -14.63 -15.55 -2.67
CA GLY A 31 -14.11 -16.82 -2.14
C GLY A 31 -14.55 -17.20 -0.74
N VAL A 32 -14.43 -16.25 0.20
CA VAL A 32 -14.80 -16.57 1.59
C VAL A 32 -16.32 -16.51 1.87
N THR A 33 -17.10 -16.20 0.89
CA THR A 33 -18.54 -16.15 1.13
C THR A 33 -19.23 -17.43 0.62
N GLU A 34 -18.45 -18.39 0.10
CA GLU A 34 -19.04 -19.60 -0.54
C GLU A 34 -19.25 -20.69 0.51
N HIS A 35 -20.33 -20.53 1.24
CA HIS A 35 -20.66 -21.48 2.29
C HIS A 35 -22.16 -21.62 2.26
N PRO A 36 -22.70 -22.82 2.46
CA PRO A 36 -24.15 -22.99 2.38
C PRO A 36 -25.01 -22.01 3.17
N ARG A 37 -24.59 -21.52 4.32
CA ARG A 37 -25.46 -20.65 5.10
C ARG A 37 -25.48 -19.18 4.66
N ILE A 38 -24.63 -18.82 3.70
CA ILE A 38 -24.70 -17.50 3.09
C ILE A 38 -25.43 -17.44 1.75
N LYS A 39 -26.48 -16.64 1.65
CA LYS A 39 -27.24 -16.64 0.38
C LYS A 39 -26.65 -15.94 -0.86
N LYS A 40 -26.80 -16.56 -2.04
CA LYS A 40 -26.35 -16.00 -3.33
C LYS A 40 -26.76 -14.51 -3.47
N GLY A 41 -27.91 -14.11 -2.89
CA GLY A 41 -28.33 -12.69 -2.92
C GLY A 41 -27.53 -11.63 -2.15
N THR A 42 -26.96 -12.02 -1.03
CA THR A 42 -26.46 -11.00 -0.14
C THR A 42 -25.07 -10.51 -0.57
N ARG A 43 -24.79 -9.22 -0.41
CA ARG A 43 -23.60 -8.63 -1.00
C ARG A 43 -22.65 -8.28 0.11
N ILE A 44 -21.44 -8.80 0.04
CA ILE A 44 -20.51 -8.69 1.10
C ILE A 44 -19.28 -7.98 0.54
N LEU A 45 -19.09 -6.74 1.00
CA LEU A 45 -18.10 -5.87 0.40
C LEU A 45 -17.08 -5.39 1.43
N VAL A 46 -15.82 -5.19 1.03
CA VAL A 46 -14.83 -4.71 1.94
C VAL A 46 -14.32 -3.39 1.41
N LYS A 47 -14.06 -2.42 2.31
CA LYS A 47 -13.59 -1.11 1.94
C LYS A 47 -12.13 -1.10 2.40
N LEU A 48 -11.24 -0.97 1.43
CA LEU A 48 -9.88 -1.35 1.69
C LEU A 48 -9.10 -0.08 2.07
N GLU A 49 -8.99 0.17 3.34
CA GLU A 49 -8.36 1.41 3.80
C GLU A 49 -6.87 1.38 3.68
N TYR A 50 -6.33 0.22 3.35
CA TYR A 50 -4.92 0.18 3.04
C TYR A 50 -4.59 0.79 1.62
N PHE A 51 -5.59 1.20 0.83
CA PHE A 51 -5.26 2.02 -0.37
C PHE A 51 -4.82 3.47 -0.06
N ASN A 52 -4.98 3.93 1.18
CA ASN A 52 -4.33 5.20 1.63
C ASN A 52 -2.82 5.17 1.39
N PRO A 53 -2.18 6.36 1.18
CA PRO A 53 -0.75 6.39 0.77
C PRO A 53 0.17 5.70 1.78
N MET A 54 -0.22 5.66 3.09
CA MET A 54 0.60 4.89 4.06
C MET A 54 -0.10 3.60 4.55
N SER A 55 -1.07 3.08 3.79
CA SER A 55 -1.60 1.73 3.95
C SER A 55 -2.39 1.51 5.24
N SER A 56 -3.05 2.57 5.74
CA SER A 56 -4.09 2.29 6.76
C SER A 56 -5.07 3.43 6.85
N VAL A 57 -6.19 3.09 7.47
CA VAL A 57 -7.24 4.01 7.78
C VAL A 57 -6.75 5.26 8.50
N ASP A 59 -4.39 7.22 7.97
CA ASP A 59 -3.95 8.38 7.13
C ASP A 59 -5.00 9.51 7.21
N ARG A 60 -6.25 9.12 7.13
CA ARG A 60 -7.41 10.06 7.22
C ARG A 60 -7.36 10.84 8.52
N VAL A 61 -6.98 10.16 9.61
CA VAL A 61 -7.05 10.69 10.97
C VAL A 61 -5.84 11.62 11.25
N GLY A 62 -4.64 11.15 10.97
CA GLY A 62 -3.47 12.03 11.06
C GLY A 62 -3.63 13.24 10.15
N PHE A 63 -4.11 13.02 8.93
CA PHE A 63 -4.37 14.19 8.12
C PHE A 63 -5.38 15.18 8.78
N ASN A 64 -6.57 14.69 9.15
CA ASN A 64 -7.59 15.64 9.58
C ASN A 64 -7.30 16.35 10.90
N ILE A 65 -6.72 15.62 11.84
CA ILE A 65 -6.24 16.16 13.12
C ILE A 65 -5.28 17.36 12.88
N VAL A 66 -4.30 17.19 12.01
CA VAL A 66 -3.32 18.24 11.79
C VAL A 66 -3.92 19.38 10.95
N TYR A 67 -4.66 19.01 9.91
CA TYR A 67 -5.30 20.00 9.03
C TYR A 67 -6.28 20.95 9.80
N GLN A 68 -7.18 20.33 10.58
CA GLN A 68 -8.19 21.03 11.34
C GLN A 68 -7.53 21.92 12.40
N ALA A 69 -6.44 21.43 12.97
CA ALA A 69 -5.73 22.23 14.01
C ALA A 69 -5.05 23.44 13.36
N ILE A 70 -4.45 23.25 12.18
CA ILE A 70 -3.90 24.38 11.43
C ILE A 70 -4.96 25.37 11.06
N LYS A 71 -6.12 24.89 10.58
CA LYS A 71 -7.18 25.76 10.17
C LYS A 71 -7.75 26.58 11.37
N ASP A 72 -7.93 25.94 12.52
CA ASP A 72 -8.57 26.72 13.60
C ASP A 72 -7.57 27.42 14.55
N GLY A 73 -6.29 27.22 14.24
CA GLY A 73 -5.18 27.76 15.00
C GLY A 73 -4.66 27.03 16.22
N ARG A 74 -5.10 25.82 16.51
CA ARG A 74 -4.48 25.02 17.55
C ARG A 74 -3.06 24.63 17.20
N LEU A 75 -2.73 24.58 15.92
CA LEU A 75 -1.36 24.30 15.46
C LEU A 75 -0.87 25.48 14.68
N LYS A 76 0.28 26.04 15.06
CA LYS A 76 0.78 27.28 14.43
C LYS A 76 2.29 27.20 14.26
N PRO A 77 2.83 27.91 13.25
CA PRO A 77 4.26 27.80 13.03
C PRO A 77 5.04 28.00 14.33
N GLY A 78 6.01 27.16 14.61
CA GLY A 78 6.68 27.21 15.89
C GLY A 78 6.44 26.00 16.77
N MET A 79 5.22 25.49 16.74
CA MET A 79 4.86 24.36 17.56
C MET A 79 5.25 23.07 16.89
N GLU A 80 5.24 22.00 17.66
CA GLU A 80 5.57 20.67 17.19
C GLU A 80 4.42 19.73 17.56
N ILE A 81 4.29 18.67 16.77
CA ILE A 81 3.21 17.76 17.00
C ILE A 81 3.73 16.66 17.95
N ILE A 82 2.87 16.17 18.85
CA ILE A 82 3.33 15.03 19.66
C ILE A 82 2.19 14.05 19.85
N GLU A 83 2.49 12.75 19.95
CA GLU A 83 1.51 11.77 20.25
C GLU A 83 2.19 10.54 20.83
N SER A 84 1.50 9.89 21.75
CA SER A 84 1.97 8.59 22.15
C SER A 84 1.27 7.48 21.38
N THR A 85 1.98 6.75 20.54
CA THR A 85 1.29 5.77 19.68
C THR A 85 2.35 4.85 19.18
N SER A 86 2.11 3.56 19.15
CA SER A 86 3.13 2.69 18.52
C SER A 86 2.69 2.21 17.14
N GLY A 87 1.47 2.57 16.76
CA GLY A 87 0.97 2.18 15.42
C GLY A 87 0.84 3.10 14.21
N ASN A 88 -0.25 2.84 13.51
CA ASN A 88 -0.53 3.55 12.29
C ASN A 88 -0.78 5.03 12.52
N THR A 89 -1.31 5.40 13.67
CA THR A 89 -1.63 6.84 13.87
C THR A 89 -0.29 7.58 13.80
N GLY A 90 0.71 6.99 14.43
CA GLY A 90 2.06 7.60 14.40
C GLY A 90 2.52 7.86 12.96
N ILE A 91 2.39 6.83 12.10
CA ILE A 91 2.84 6.95 10.71
C ILE A 91 2.05 8.07 10.00
N ALA A 92 0.77 8.12 10.32
CA ALA A 92 -0.16 9.04 9.65
C ALA A 92 0.12 10.48 10.04
N LEU A 93 0.47 10.69 11.33
CA LEU A 93 0.93 12.01 11.82
C LEU A 93 2.26 12.43 11.14
N CYS A 94 3.21 11.50 10.99
CA CYS A 94 4.48 11.80 10.35
C CYS A 94 4.31 12.21 8.88
N GLN A 95 3.49 11.46 8.17
CA GLN A 95 3.12 11.84 6.82
C GLN A 95 2.59 13.30 6.74
N ALA A 96 1.55 13.59 7.51
CA ALA A 96 0.90 14.91 7.51
C ALA A 96 1.92 16.03 7.87
N GLY A 97 2.71 15.76 8.91
CA GLY A 97 3.74 16.71 9.41
C GLY A 97 4.81 16.97 8.38
N ALA A 98 5.25 15.91 7.67
CA ALA A 98 6.19 16.01 6.54
C ALA A 98 5.69 16.98 5.48
N VAL A 99 4.39 16.88 5.11
CA VAL A 99 3.87 17.71 4.03
C VAL A 99 3.57 19.12 4.54
N PHE A 100 2.97 19.24 5.73
CA PHE A 100 2.67 20.58 6.26
C PHE A 100 3.92 21.34 6.74
N GLY A 101 5.04 20.66 6.96
CA GLY A 101 6.23 21.38 7.44
C GLY A 101 6.29 21.46 8.95
N TYR A 102 5.73 20.52 9.69
CA TYR A 102 5.86 20.56 11.13
C TYR A 102 6.62 19.36 11.69
N ARG A 103 7.41 19.58 12.72
CA ARG A 103 8.09 18.52 13.41
C ARG A 103 7.10 17.59 14.13
N VAL A 104 7.40 16.31 14.15
CA VAL A 104 6.57 15.28 14.72
C VAL A 104 7.37 14.50 15.73
N ASN A 105 6.80 14.43 16.93
CA ASN A 105 7.45 13.69 18.01
C ASN A 105 6.57 12.54 18.34
N ILE A 106 7.10 11.33 18.25
CA ILE A 106 6.25 10.20 18.56
C ILE A 106 6.82 9.37 19.74
N ALA A 107 5.99 9.10 20.75
CA ALA A 107 6.49 8.39 21.93
C ALA A 107 5.93 6.99 21.93
N MET A 108 6.81 6.01 22.17
CA MET A 108 6.33 4.63 22.31
C MET A 108 7.33 3.79 23.14
N PRO A 109 6.89 2.62 23.64
CA PRO A 109 7.93 1.85 24.36
C PRO A 109 9.10 1.38 23.43
N SER A 110 10.34 1.46 23.89
CA SER A 110 11.54 1.16 23.04
C SER A 110 11.49 -0.24 22.43
N THR A 111 10.69 -1.12 22.98
CA THR A 111 10.68 -2.45 22.42
C THR A 111 9.55 -2.77 21.46
N MET A 112 8.67 -1.82 21.19
CA MET A 112 7.47 -2.09 20.37
C MET A 112 7.66 -1.62 18.94
N SER A 113 7.24 -2.47 18.00
CA SER A 113 7.17 -2.14 16.55
C SER A 113 8.37 -1.34 16.03
N VAL A 114 9.54 -1.95 16.15
CA VAL A 114 10.80 -1.39 15.62
C VAL A 114 10.80 -1.22 14.05
N GLU A 115 9.96 -2.00 13.36
CA GLU A 115 9.74 -1.71 11.93
C GLU A 115 9.04 -0.36 11.88
N ARG A 116 8.00 -0.19 12.70
CA ARG A 116 7.24 1.07 12.63
C ARG A 116 8.09 2.26 13.12
N GLN A 117 9.02 2.01 14.04
CA GLN A 117 10.04 3.00 14.37
C GLN A 117 10.82 3.54 13.18
N MET A 118 11.27 2.60 12.35
CA MET A 118 12.09 2.92 11.21
C MET A 118 11.27 3.76 10.25
N ILE A 119 10.00 3.35 9.97
CA ILE A 119 9.12 4.09 9.07
C ILE A 119 9.02 5.54 9.59
N MET A 120 8.72 5.66 10.86
CA MET A 120 8.54 7.02 11.46
C MET A 120 9.78 7.92 11.35
N LYS A 121 10.90 7.35 11.71
CA LYS A 121 12.18 8.02 11.57
C LYS A 121 12.47 8.41 10.13
N ALA A 122 12.14 7.55 9.17
CA ALA A 122 12.34 7.88 7.74
C ALA A 122 11.56 9.15 7.34
N PHE A 123 10.39 9.33 7.96
CA PHE A 123 9.60 10.50 7.70
C PHE A 123 10.12 11.73 8.47
N GLY A 124 11.23 11.59 9.18
CA GLY A 124 11.76 12.73 9.92
C GLY A 124 11.29 12.91 11.38
N ALA A 125 10.59 11.95 11.94
CA ALA A 125 10.04 12.08 13.29
C ALA A 125 11.15 11.99 14.33
N GLU A 126 10.99 12.67 15.46
CA GLU A 126 11.78 12.37 16.66
C GLU A 126 11.07 11.27 17.37
N LEU A 127 11.72 10.14 17.65
CA LEU A 127 11.09 9.15 18.48
C LEU A 127 11.45 9.34 19.95
N ILE A 128 10.45 9.27 20.81
CA ILE A 128 10.62 9.34 22.26
C ILE A 128 10.45 7.91 22.75
N LEU A 129 11.55 7.20 22.94
CA LEU A 129 11.43 5.78 23.29
C LEU A 129 11.40 5.56 24.80
N THR A 130 10.29 5.03 25.31
CA THR A 130 10.12 4.94 26.76
C THR A 130 10.41 3.52 27.26
N GLU A 131 10.48 3.35 28.56
CA GLU A 131 10.84 2.05 29.12
C GLU A 131 9.88 0.93 28.74
N GLY A 132 10.48 -0.17 28.33
CA GLY A 132 9.79 -1.32 27.76
C GLY A 132 8.72 -1.88 28.69
N LYS A 133 9.13 -2.18 29.94
CA LYS A 133 8.25 -2.83 30.95
C LYS A 133 6.98 -2.01 31.16
N LYS A 134 7.08 -0.72 30.89
CA LYS A 134 6.01 0.25 31.21
C LYS A 134 4.91 0.35 30.17
N GLY A 135 5.17 -0.19 29.00
CA GLY A 135 4.13 -0.27 27.96
C GLY A 135 3.64 1.11 27.49
N MET A 136 2.43 1.14 26.93
CA MET A 136 1.87 2.43 26.46
C MET A 136 1.72 3.47 27.59
N PRO A 137 1.28 3.05 28.80
CA PRO A 137 1.18 4.07 29.85
C PRO A 137 2.51 4.84 30.14
N GLY A 138 3.67 4.20 30.02
CA GLY A 138 4.93 4.93 30.11
C GLY A 138 5.18 5.95 29.01
N ALA A 139 4.68 5.63 27.81
CA ALA A 139 4.77 6.61 26.67
C ALA A 139 3.91 7.84 26.92
N ILE A 140 2.68 7.61 27.38
CA ILE A 140 1.72 8.66 27.75
C ILE A 140 2.30 9.52 28.89
N GLU A 141 2.91 8.86 29.87
CA GLU A 141 3.55 9.55 31.02
C GLU A 141 4.70 10.46 30.55
N GLU A 142 5.49 9.97 29.61
CA GLU A 142 6.50 10.82 29.06
C GLU A 142 5.92 12.02 28.31
N VAL A 143 4.92 11.79 27.45
CA VAL A 143 4.30 12.89 26.69
C VAL A 143 3.67 13.88 27.67
N ASN A 144 2.98 13.36 28.67
CA ASN A 144 2.45 14.29 29.72
C ASN A 144 3.59 15.17 30.34
N LYS A 145 4.72 14.57 30.67
CA LYS A 145 5.86 15.33 31.20
C LYS A 145 6.36 16.39 30.22
N MET A 146 6.61 15.97 28.97
CA MET A 146 7.09 16.93 28.00
C MET A 146 6.16 18.10 27.78
N ILE A 147 4.84 17.85 27.80
CA ILE A 147 3.92 19.01 27.58
C ILE A 147 3.80 19.92 28.84
N LYS A 148 3.96 19.34 30.01
CA LYS A 148 3.93 20.04 31.34
C LYS A 148 5.13 20.98 31.41
N GLU A 149 6.31 20.45 31.09
CA GLU A 149 7.53 21.24 31.12
C GLU A 149 7.67 22.25 30.00
N ASN A 150 7.01 22.04 28.86
CA ASN A 150 7.10 22.95 27.71
C ASN A 150 5.75 23.51 27.31
N PRO A 151 5.09 24.31 28.18
CA PRO A 151 3.76 24.80 27.90
C PRO A 151 3.73 25.56 26.61
N GLY A 152 2.73 25.33 25.76
CA GLY A 152 2.59 26.07 24.54
C GLY A 152 3.41 25.50 23.37
N LYS A 153 4.39 24.64 23.65
CA LYS A 153 5.25 24.15 22.58
C LYS A 153 4.58 23.08 21.66
N TYR A 154 3.83 22.17 22.25
CA TYR A 154 3.32 21.01 21.53
C TYR A 154 1.83 21.05 21.27
N PHE A 155 1.45 20.43 20.13
CA PHE A 155 0.09 20.06 19.86
C PHE A 155 -0.09 18.55 19.99
N VAL A 156 -1.02 18.15 20.86
CA VAL A 156 -1.21 16.76 21.16
C VAL A 156 -2.32 16.24 20.29
N ALA A 157 -2.01 15.22 19.48
CA ALA A 157 -2.99 14.71 18.56
C ALA A 157 -4.21 14.13 19.30
N ASN A 158 -3.99 13.36 20.38
CA ASN A 158 -5.10 12.91 21.25
C ASN A 158 -6.14 12.09 20.46
N GLN A 159 -5.68 11.05 19.80
CA GLN A 159 -6.52 10.27 18.86
C GLN A 159 -7.76 9.65 19.45
N PHE A 160 -7.74 9.30 20.76
CA PHE A 160 -8.89 8.67 21.43
C PHE A 160 -9.91 9.67 21.87
N GLY A 161 -9.53 10.95 21.96
CA GLY A 161 -10.51 12.00 22.36
C GLY A 161 -10.72 13.19 21.40
N ASN A 162 -10.08 13.16 20.22
CA ASN A 162 -10.14 14.26 19.25
C ASN A 162 -11.35 14.11 18.30
N PRO A 163 -12.35 15.03 18.40
CA PRO A 163 -13.46 14.92 17.45
C PRO A 163 -13.07 15.03 15.95
N ASP A 164 -11.85 15.48 15.64
CA ASP A 164 -11.45 15.60 14.23
C ASP A 164 -11.12 14.20 13.67
N ASN A 165 -10.97 13.23 14.59
CA ASN A 165 -10.80 11.78 14.25
C ASN A 165 -12.18 11.28 13.67
N THR A 166 -13.24 11.33 14.46
CA THR A 166 -14.61 10.99 14.05
C THR A 166 -15.00 11.73 12.82
N ALA A 167 -14.78 13.07 12.82
CA ALA A 167 -15.19 13.89 11.67
C ALA A 167 -14.56 13.47 10.32
N ALA A 168 -13.35 12.94 10.32
CA ALA A 168 -12.70 12.50 9.09
C ALA A 168 -13.53 11.39 8.42
N HIS A 169 -14.24 10.61 9.23
CA HIS A 169 -14.99 9.50 8.71
C HIS A 169 -16.33 9.87 8.16
N HIS A 170 -16.69 11.16 8.19
CA HIS A 170 -17.84 11.58 7.32
C HIS A 170 -17.52 11.35 5.88
N TYR A 171 -16.25 11.52 5.52
CA TYR A 171 -15.82 11.20 4.14
C TYR A 171 -15.92 9.70 3.90
N THR A 172 -15.42 8.88 4.85
CA THR A 172 -15.53 7.43 4.70
C THR A 172 -16.98 7.07 4.45
N ALA A 173 -17.89 7.67 5.22
CA ALA A 173 -19.32 7.40 5.10
C ALA A 173 -19.85 7.81 3.73
N ASN A 174 -19.49 9.01 3.30
CA ASN A 174 -19.90 9.40 1.97
C ASN A 174 -19.45 8.49 0.81
N GLU A 175 -18.23 8.01 0.94
CA GLU A 175 -17.74 7.02 -0.06
C GLU A 175 -18.57 5.74 -0.01
N ILE A 176 -18.98 5.30 1.19
CA ILE A 176 -19.78 4.08 1.29
C ILE A 176 -21.15 4.31 0.60
N TRP A 177 -21.75 5.45 0.93
CA TRP A 177 -23.02 5.87 0.38
C TRP A 177 -23.02 5.99 -1.13
N GLU A 178 -22.11 6.76 -1.67
CA GLU A 178 -22.03 6.85 -3.16
C GLU A 178 -21.62 5.56 -3.83
N ASP A 179 -20.61 4.87 -3.31
CA ASP A 179 -20.14 3.61 -3.97
C ASP A 179 -21.25 2.53 -3.99
N THR A 180 -22.13 2.50 -3.00
CA THR A 180 -23.24 1.51 -3.01
C THR A 180 -24.54 2.03 -3.66
N ASP A 181 -24.49 3.24 -4.19
CA ASP A 181 -25.64 3.99 -4.67
C ASP A 181 -26.75 3.98 -3.63
N GLY A 182 -26.40 4.23 -2.37
CA GLY A 182 -27.40 4.26 -1.30
C GLY A 182 -27.90 2.91 -0.82
N GLU A 183 -27.38 1.81 -1.36
CA GLU A 183 -27.93 0.47 -1.07
C GLU A 183 -27.32 -0.15 0.19
N VAL A 184 -26.27 0.48 0.76
CA VAL A 184 -25.64 -0.07 1.99
C VAL A 184 -26.72 -0.33 3.07
N ASP A 185 -26.70 -1.53 3.66
CA ASP A 185 -27.62 -1.89 4.75
C ASP A 185 -26.94 -2.06 6.11
N ILE A 186 -25.67 -2.54 6.11
CA ILE A 186 -25.01 -2.85 7.34
C ILE A 186 -23.55 -2.41 7.18
N VAL A 187 -22.98 -1.77 8.22
CA VAL A 187 -21.50 -1.45 8.20
C VAL A 187 -20.91 -2.12 9.41
N VAL A 188 -19.81 -2.86 9.19
CA VAL A 188 -19.10 -3.57 10.26
C VAL A 188 -17.74 -2.90 10.44
N SER A 189 -17.42 -2.45 11.64
CA SER A 189 -16.13 -1.81 11.89
C SER A 189 -15.50 -2.32 13.19
N ALA A 190 -14.27 -2.87 13.10
CA ALA A 190 -13.50 -3.28 14.30
C ALA A 190 -12.96 -1.99 15.01
N VAL A 191 -13.11 -1.92 16.32
CA VAL A 191 -12.99 -0.63 17.00
C VAL A 191 -11.65 -0.46 17.71
N GLY A 192 -10.85 0.54 17.29
CA GLY A 192 -9.67 1.00 18.07
C GLY A 192 -10.01 2.28 18.84
N THR A 193 -9.90 3.41 18.15
CA THR A 193 -10.34 4.74 18.64
C THR A 193 -11.85 4.88 18.59
N SER A 194 -12.47 4.13 17.71
CA SER A 194 -13.87 4.25 17.36
C SER A 194 -14.12 5.44 16.42
N GLY A 195 -13.11 6.17 15.95
CA GLY A 195 -13.40 7.26 14.96
C GLY A 195 -14.22 6.67 13.77
N THR A 196 -13.80 5.49 13.24
CA THR A 196 -14.46 4.97 12.03
C THR A 196 -15.94 4.64 12.28
N VAL A 197 -16.22 3.79 13.28
CA VAL A 197 -17.57 3.30 13.47
C VAL A 197 -18.51 4.52 13.78
N ILE A 198 -18.06 5.47 14.56
CA ILE A 198 -18.98 6.56 15.00
C ILE A 198 -19.18 7.57 13.88
N GLY A 199 -18.06 7.96 13.26
CA GLY A 199 -18.12 9.00 12.21
C GLY A 199 -18.86 8.46 10.98
N VAL A 200 -18.67 7.17 10.67
CA VAL A 200 -19.50 6.57 9.59
C VAL A 200 -21.02 6.52 10.04
N ALA A 201 -21.33 6.06 11.26
CA ALA A 201 -22.74 6.00 11.75
C ALA A 201 -23.41 7.39 11.76
N GLU A 202 -22.69 8.39 12.31
CA GLU A 202 -23.20 9.81 12.33
C GLU A 202 -23.68 10.21 10.92
N LYS A 203 -22.85 9.98 9.90
CA LYS A 203 -23.21 10.47 8.60
C LYS A 203 -24.20 9.56 7.88
N LEU A 204 -24.02 8.22 7.97
CA LEU A 204 -24.98 7.36 7.26
C LEU A 204 -26.42 7.36 7.86
N LYS A 205 -26.51 7.48 9.19
CA LYS A 205 -27.83 7.56 9.81
C LYS A 205 -28.63 8.81 9.37
N GLU A 206 -27.93 9.81 8.83
CA GLU A 206 -28.51 10.95 8.16
C GLU A 206 -29.00 10.66 6.74
N LYS A 207 -28.47 9.63 6.08
CA LYS A 207 -28.86 9.33 4.73
C LYS A 207 -30.14 8.51 4.65
N LYS A 208 -30.36 7.61 5.61
CA LYS A 208 -31.39 6.57 5.43
C LYS A 208 -31.68 5.92 6.77
N LYS A 209 -32.96 5.65 7.02
CA LYS A 209 -33.31 4.93 8.21
C LYS A 209 -32.93 3.47 7.98
N GLY A 210 -32.45 2.78 9.00
CA GLY A 210 -32.41 1.31 8.93
C GLY A 210 -31.04 0.75 8.54
N ILE A 211 -30.00 1.59 8.60
CA ILE A 211 -28.62 1.08 8.34
C ILE A 211 -28.10 0.55 9.63
N LYS A 212 -27.80 -0.75 9.71
CA LYS A 212 -27.37 -1.28 10.96
C LYS A 212 -25.88 -1.05 11.16
N ILE A 213 -25.48 -0.60 12.33
CA ILE A 213 -24.07 -0.31 12.56
C ILE A 213 -23.51 -1.28 13.62
N ILE A 214 -22.45 -2.01 13.27
CA ILE A 214 -21.90 -3.07 14.11
C ILE A 214 -20.45 -2.78 14.48
N ALA A 215 -20.16 -2.71 15.79
CA ALA A 215 -18.81 -2.54 16.29
C ALA A 215 -18.22 -3.94 16.56
N VAL A 216 -16.91 -4.08 16.41
CA VAL A 216 -16.27 -5.46 16.61
C VAL A 216 -15.13 -5.28 17.55
N GLU A 217 -15.02 -6.14 18.57
CA GLU A 217 -13.96 -6.03 19.57
C GLU A 217 -13.48 -7.46 19.91
N PRO A 218 -12.28 -7.59 20.50
CA PRO A 218 -11.74 -8.89 20.81
C PRO A 218 -12.57 -9.53 21.95
N GLU A 219 -12.83 -10.82 21.80
CA GLU A 219 -13.63 -11.58 22.76
C GLU A 219 -12.99 -11.49 24.17
N GLU A 220 -11.67 -11.32 24.20
CA GLU A 220 -10.91 -11.34 25.43
C GLU A 220 -10.83 -9.98 26.08
N SER A 221 -11.33 -8.96 25.41
CA SER A 221 -11.16 -7.61 25.98
C SER A 221 -12.38 -6.80 25.57
N ALA A 222 -13.52 -7.31 25.97
CA ALA A 222 -14.80 -6.81 25.47
C ALA A 222 -15.33 -5.63 26.29
N VAL A 223 -14.55 -4.54 26.32
CA VAL A 223 -14.87 -3.39 27.13
C VAL A 223 -16.06 -2.60 26.64
N LEU A 224 -16.32 -2.57 25.34
CA LEU A 224 -17.54 -1.93 24.84
C LEU A 224 -18.83 -2.63 25.34
N GLU A 225 -18.76 -3.95 25.43
CA GLU A 225 -19.85 -4.77 25.97
C GLU A 225 -19.90 -4.68 27.50
N GLY A 226 -18.87 -4.10 28.09
CA GLY A 226 -18.87 -3.92 29.53
C GLY A 226 -18.11 -5.03 30.26
N LYS A 227 -17.50 -5.98 29.54
CA LYS A 227 -16.53 -6.90 30.21
C LYS A 227 -15.29 -6.14 30.57
N ALA A 228 -14.42 -6.80 31.33
CA ALA A 228 -13.14 -6.25 31.73
C ALA A 228 -12.07 -6.34 30.64
N LYS A 229 -11.16 -5.36 30.62
CA LYS A 229 -10.00 -5.34 29.77
C LYS A 229 -9.24 -6.68 29.90
N GLY A 230 -8.56 -7.12 28.84
CA GLY A 230 -7.77 -8.39 28.93
C GLY A 230 -6.75 -8.46 27.83
N PRO A 231 -5.78 -9.38 27.93
CA PRO A 231 -4.76 -9.50 26.87
C PRO A 231 -5.35 -10.17 25.62
N HIS A 232 -5.03 -9.69 24.42
CA HIS A 232 -5.62 -10.30 23.18
C HIS A 232 -4.54 -10.04 22.16
N GLY A 233 -4.61 -10.64 20.99
CA GLY A 233 -3.60 -10.44 19.94
C GLY A 233 -4.15 -9.81 18.63
N ILE A 234 -5.27 -9.08 18.70
CA ILE A 234 -5.82 -8.51 17.48
C ILE A 234 -5.30 -7.10 17.43
N GLN A 235 -4.09 -6.92 16.84
CA GLN A 235 -3.46 -5.61 16.81
C GLN A 235 -4.36 -4.56 16.18
N GLY A 236 -4.29 -3.33 16.72
CA GLY A 236 -5.07 -2.18 16.19
C GLY A 236 -6.43 -1.97 16.81
N ILE A 237 -6.96 -3.01 17.48
CA ILE A 237 -8.21 -2.78 18.21
C ILE A 237 -8.05 -3.21 19.68
N GLY A 238 -9.17 -3.22 20.41
CA GLY A 238 -9.21 -3.65 21.84
C GLY A 238 -8.27 -2.76 22.62
N ALA A 239 -8.57 -1.43 22.70
CA ALA A 239 -7.66 -0.54 23.40
C ALA A 239 -7.67 -0.77 24.95
N GLY A 240 -8.67 -1.46 25.45
CA GLY A 240 -8.81 -1.73 26.90
C GLY A 240 -9.67 -0.74 27.66
N PHE A 241 -10.25 0.25 26.97
CA PHE A 241 -11.10 1.24 27.59
C PHE A 241 -12.08 1.68 26.54
N ILE A 242 -13.16 2.38 26.95
CA ILE A 242 -14.13 2.92 26.00
C ILE A 242 -13.61 4.35 25.63
N PRO A 243 -13.32 4.58 24.34
CA PRO A 243 -12.63 5.85 24.00
C PRO A 243 -13.65 7.00 24.22
N ASP A 244 -13.13 8.17 24.60
CA ASP A 244 -13.92 9.38 24.77
C ASP A 244 -14.78 9.75 23.55
N ILE A 245 -14.37 9.39 22.33
CA ILE A 245 -15.13 9.73 21.15
C ILE A 245 -16.17 8.66 20.79
N TYR A 246 -16.21 7.56 21.54
CA TYR A 246 -17.25 6.52 21.35
C TYR A 246 -18.62 7.09 21.78
N LYS A 247 -19.63 6.88 20.92
CA LYS A 247 -21.03 7.26 21.21
C LYS A 247 -21.92 6.03 21.03
N LYS A 248 -22.20 5.35 22.13
CA LYS A 248 -22.92 4.07 22.09
C LYS A 248 -24.28 4.13 21.37
N GLU A 249 -24.95 5.29 21.33
CA GLU A 249 -26.28 5.34 20.73
C GLU A 249 -26.20 5.11 19.26
N PHE A 250 -25.04 5.36 18.63
CA PHE A 250 -24.93 5.24 17.17
C PHE A 250 -24.57 3.83 16.75
N VAL A 251 -24.37 2.93 17.72
CA VAL A 251 -23.94 1.54 17.43
C VAL A 251 -25.09 0.58 17.77
N ASP A 252 -25.60 -0.19 16.79
CA ASP A 252 -26.68 -1.14 16.99
C ASP A 252 -26.30 -2.45 17.67
N GLU A 253 -25.11 -2.99 17.41
CA GLU A 253 -24.72 -4.30 17.96
C GLU A 253 -23.21 -4.32 18.07
N ILE A 254 -22.73 -5.03 19.04
CA ILE A 254 -21.30 -5.26 19.19
C ILE A 254 -21.05 -6.76 19.07
N ILE A 255 -20.06 -7.15 18.24
CA ILE A 255 -19.67 -8.55 18.07
C ILE A 255 -18.25 -8.79 18.64
N PRO A 256 -18.10 -9.75 19.62
CA PRO A 256 -16.79 -10.12 20.13
C PRO A 256 -16.20 -11.17 19.18
N ILE A 257 -14.89 -11.07 18.87
CA ILE A 257 -14.28 -12.06 17.94
C ILE A 257 -13.01 -12.54 18.62
N LYS A 258 -12.73 -13.85 18.66
CA LYS A 258 -11.56 -14.35 19.36
C LYS A 258 -10.35 -14.07 18.49
N THR A 259 -9.22 -13.84 19.13
CA THR A 259 -7.99 -13.51 18.43
C THR A 259 -7.64 -14.54 17.39
N GLN A 260 -7.71 -15.83 17.76
CA GLN A 260 -7.28 -16.86 16.85
C GLN A 260 -8.19 -16.96 15.64
N ASP A 261 -9.47 -16.67 15.83
CA ASP A 261 -10.39 -16.61 14.68
C ASP A 261 -10.12 -15.43 13.75
N ALA A 262 -9.83 -14.27 14.33
CA ALA A 262 -9.50 -13.08 13.55
C ALA A 262 -8.29 -13.38 12.64
N TRP A 263 -7.24 -13.95 13.18
CA TRP A 263 -6.10 -14.36 12.41
C TRP A 263 -6.46 -15.38 11.32
N LYS A 264 -7.20 -16.42 11.68
CA LYS A 264 -7.54 -17.51 10.72
C LYS A 264 -8.38 -16.93 9.59
N MET A 265 -9.28 -16.03 9.94
CA MET A 265 -10.13 -15.37 8.88
C MET A 265 -9.21 -14.56 7.88
N ALA A 266 -8.29 -13.77 8.43
CA ALA A 266 -7.36 -13.01 7.57
C ALA A 266 -6.56 -13.93 6.68
N ARG A 267 -6.12 -15.10 7.19
CA ARG A 267 -5.45 -16.06 6.30
C ARG A 267 -6.37 -16.58 5.19
N ALA A 268 -7.66 -16.81 5.49
CA ALA A 268 -8.54 -17.38 4.48
C ALA A 268 -8.77 -16.31 3.40
N VAL A 269 -8.97 -15.07 3.83
CA VAL A 269 -9.23 -13.96 2.86
C VAL A 269 -8.08 -13.81 1.89
N VAL A 270 -6.84 -13.88 2.35
CA VAL A 270 -5.75 -13.69 1.34
C VAL A 270 -5.67 -14.93 0.39
N LYS A 271 -5.85 -16.12 0.98
CA LYS A 271 -5.81 -17.37 0.17
C LYS A 271 -6.96 -17.52 -0.83
N TYR A 272 -8.20 -17.20 -0.42
CA TYR A 272 -9.37 -17.40 -1.30
C TYR A 272 -9.91 -16.21 -2.03
N ASP A 273 -9.63 -15.00 -1.56
CA ASP A 273 -9.99 -13.85 -2.35
C ASP A 273 -8.78 -13.07 -2.81
N GLY A 274 -7.61 -13.43 -2.29
CA GLY A 274 -6.38 -12.75 -2.72
C GLY A 274 -6.26 -11.34 -2.22
N ILE A 275 -6.88 -11.09 -1.08
CA ILE A 275 -6.89 -9.78 -0.49
C ILE A 275 -6.05 -9.87 0.78
N MET A 276 -4.93 -9.18 0.82
CA MET A 276 -4.06 -9.45 1.96
C MET A 276 -4.43 -8.53 3.13
N CYS A 277 -5.51 -8.82 3.84
CA CYS A 277 -5.96 -7.84 4.86
C CYS A 277 -5.17 -8.10 6.18
N GLY A 278 -5.29 -7.20 7.15
CA GLY A 278 -4.60 -7.34 8.44
C GLY A 278 -5.42 -8.01 9.51
N MET A 279 -4.90 -7.99 10.74
CA MET A 279 -5.53 -8.78 11.83
C MET A 279 -6.94 -8.26 12.19
N SER A 280 -7.07 -6.96 12.32
CA SER A 280 -8.33 -6.38 12.76
C SER A 280 -9.37 -6.56 11.60
N SER A 281 -8.89 -6.59 10.36
CA SER A 281 -9.73 -6.89 9.17
C SER A 281 -10.20 -8.32 9.21
N GLY A 282 -9.34 -9.26 9.64
CA GLY A 282 -9.84 -10.63 9.86
C GLY A 282 -10.99 -10.65 10.89
N ALA A 283 -10.89 -9.83 11.95
CA ALA A 283 -12.02 -9.74 12.92
C ALA A 283 -13.31 -9.20 12.29
N ALA A 284 -13.19 -8.09 11.56
CA ALA A 284 -14.38 -7.41 11.02
C ALA A 284 -15.01 -8.27 9.92
N ILE A 285 -14.20 -8.87 9.06
CA ILE A 285 -14.73 -9.75 8.00
C ILE A 285 -15.50 -10.94 8.65
N LEU A 286 -14.96 -11.55 9.69
CA LEU A 286 -15.63 -12.74 10.29
C LEU A 286 -16.96 -12.25 10.88
N ALA A 287 -16.93 -11.14 11.64
CA ALA A 287 -18.22 -10.55 12.07
C ALA A 287 -19.19 -10.32 10.89
N GLY A 288 -18.72 -9.81 9.76
CA GLY A 288 -19.60 -9.57 8.65
C GLY A 288 -20.12 -10.82 8.00
N LEU A 289 -19.28 -11.86 7.87
CA LEU A 289 -19.81 -13.14 7.38
C LEU A 289 -20.90 -13.69 8.30
N LYS A 290 -20.72 -13.54 9.60
CA LYS A 290 -21.73 -14.00 10.58
C LYS A 290 -23.03 -13.22 10.35
N GLU A 291 -22.93 -11.95 9.98
CA GLU A 291 -24.14 -11.26 9.54
C GLU A 291 -24.74 -11.79 8.31
N ALA A 292 -23.90 -12.15 7.32
CA ALA A 292 -24.42 -12.50 6.02
C ALA A 292 -25.10 -13.84 6.13
N GLU A 293 -24.82 -14.57 7.22
CA GLU A 293 -25.53 -15.85 7.36
C GLU A 293 -26.89 -15.76 8.05
N LYS A 294 -27.21 -14.61 8.69
CA LYS A 294 -28.53 -14.40 9.34
C LYS A 294 -29.63 -14.32 8.29
N PRO A 295 -30.68 -15.17 8.44
CA PRO A 295 -31.71 -15.21 7.40
C PRO A 295 -32.38 -13.85 7.19
N GLU A 296 -32.46 -13.04 8.25
CA GLU A 296 -33.07 -11.71 8.10
C GLU A 296 -32.20 -10.76 7.22
N ASN A 297 -30.94 -11.14 6.97
CA ASN A 297 -29.99 -10.30 6.15
C ASN A 297 -29.86 -10.71 4.73
N GLU A 298 -30.68 -11.69 4.31
CA GLU A 298 -30.65 -12.15 2.92
C GLU A 298 -30.88 -11.00 1.91
N GLY A 299 -30.03 -10.90 0.89
CA GLY A 299 -30.16 -9.86 -0.11
C GLY A 299 -29.66 -8.50 0.39
N LYS A 300 -29.24 -8.39 1.63
CA LYS A 300 -28.72 -7.07 2.09
C LYS A 300 -27.32 -6.74 1.55
N THR A 301 -26.91 -5.45 1.56
CA THR A 301 -25.51 -5.06 1.24
C THR A 301 -24.74 -4.76 2.53
N ILE A 302 -23.71 -5.58 2.79
CA ILE A 302 -22.98 -5.51 4.02
C ILE A 302 -21.59 -4.92 3.68
N VAL A 303 -21.19 -3.87 4.37
CA VAL A 303 -19.91 -3.19 4.08
C VAL A 303 -19.07 -3.40 5.33
N ILE A 304 -17.88 -3.95 5.09
CA ILE A 304 -16.93 -4.21 6.17
C ILE A 304 -15.66 -3.35 5.98
N ILE A 305 -15.25 -2.65 7.04
CA ILE A 305 -14.05 -1.87 6.97
C ILE A 305 -12.82 -2.78 7.11
N VAL A 306 -11.82 -2.58 6.25
CA VAL A 306 -10.55 -3.31 6.28
C VAL A 306 -9.43 -2.29 6.54
N PRO A 307 -9.04 -2.09 7.83
CA PRO A 307 -8.21 -0.96 8.15
C PRO A 307 -6.79 -1.01 7.66
N SER A 308 -6.23 -2.19 7.36
CA SER A 308 -4.76 -2.25 7.16
C SER A 308 -4.41 -3.48 6.36
N CYS A 309 -3.16 -3.62 5.91
CA CYS A 309 -2.92 -4.83 5.13
C CYS A 309 -1.91 -5.74 5.84
N GLY A 310 -1.88 -7.00 5.46
CA GLY A 310 -1.07 -8.05 6.15
C GLY A 310 0.43 -7.81 6.14
N GLU A 311 0.90 -6.95 5.22
CA GLU A 311 2.36 -6.72 5.11
C GLU A 311 2.94 -6.03 6.36
N ARG A 312 2.11 -5.32 7.09
CA ARG A 312 2.57 -4.69 8.31
C ARG A 312 2.61 -5.72 9.48
N TYR A 313 2.39 -7.03 9.21
CA TYR A 313 2.25 -8.01 10.30
C TYR A 313 3.17 -9.18 10.06
N LEU A 314 4.15 -8.98 9.19
CA LEU A 314 4.98 -10.11 8.76
C LEU A 314 5.79 -10.63 9.97
N SER A 315 6.16 -9.75 10.91
CA SER A 315 6.93 -10.28 12.06
C SER A 315 6.02 -10.89 13.16
N THR A 316 4.69 -10.88 12.96
CA THR A 316 3.80 -11.47 13.97
C THR A 316 3.59 -12.93 13.67
N ASP A 317 2.71 -13.59 14.42
CA ASP A 317 2.27 -14.99 14.10
C ASP A 317 1.09 -15.10 13.16
N LEU A 318 0.72 -13.96 12.61
CA LEU A 318 -0.45 -13.94 11.73
C LEU A 318 -0.35 -15.06 10.69
N TYR A 319 0.79 -15.17 9.99
CA TYR A 319 0.90 -16.22 8.96
C TYR A 319 1.72 -17.44 9.38
N LYS A 320 1.91 -17.65 10.69
CA LYS A 320 2.62 -18.84 11.13
C LYS A 320 1.82 -20.14 11.00
N ILE A 321 0.59 -20.21 11.55
CA ILE A 321 -0.21 -21.43 11.35
C ILE A 321 -0.53 -21.61 9.88
N LYS A 322 -0.29 -22.81 9.37
CA LYS A 322 -0.71 -23.15 8.01
C LYS A 322 -1.96 -24.04 8.18
N ASP A 323 -3.15 -23.50 7.91
CA ASP A 323 -4.41 -24.19 8.21
C ASP A 323 -4.55 -25.44 7.36
N GLU A 324 -4.93 -26.54 7.98
CA GLU A 324 -5.22 -27.72 7.15
C GLU A 324 -6.71 -27.71 6.80
N GLY A 325 -7.06 -28.07 5.57
CA GLY A 325 -8.47 -28.17 5.26
C GLY A 325 -8.65 -27.50 3.94
N THR A 326 -9.67 -27.93 3.21
CA THR A 326 -10.00 -27.33 1.96
C THR A 326 -10.71 -26.01 2.33
N LYS A 327 -10.97 -25.16 1.34
CA LYS A 327 -11.71 -23.91 1.58
C LYS A 327 -12.99 -24.14 2.44
N ILE A 328 -13.84 -25.10 2.05
CA ILE A 328 -15.13 -25.29 2.73
C ILE A 328 -14.93 -25.70 4.20
N GLN A 329 -13.90 -26.51 4.44
CA GLN A 329 -13.60 -26.88 5.85
C GLN A 329 -13.20 -25.68 6.70
N ILE A 330 -12.36 -24.82 6.11
CA ILE A 330 -11.94 -23.62 6.82
C ILE A 330 -13.13 -22.67 7.08
N LEU A 331 -13.93 -22.34 6.07
CA LEU A 331 -15.05 -21.44 6.33
C LEU A 331 -16.05 -22.06 7.34
N ASP A 332 -16.30 -23.36 7.19
CA ASP A 332 -17.25 -23.98 8.09
C ASP A 332 -16.64 -23.92 9.49
N SER A 333 -15.30 -24.08 9.65
CA SER A 333 -14.74 -24.03 11.03
C SER A 333 -14.82 -22.62 11.58
N LEU A 334 -14.80 -21.61 10.72
CA LEU A 334 -14.84 -20.21 11.22
C LEU A 334 -16.28 -19.83 11.55
N LEU A 335 -17.26 -20.37 10.82
CA LEU A 335 -18.65 -19.95 11.12
C LEU A 335 -19.40 -20.85 12.12
N ASN A 336 -18.74 -21.81 12.71
CA ASN A 336 -19.47 -22.88 13.37
C ASN A 336 -19.95 -22.69 14.80
N GLU A 337 -19.57 -21.64 15.49
CA GLU A 337 -20.14 -21.33 16.77
C GLU A 337 -21.68 -21.19 16.78
N HIS A 338 -22.29 -21.69 17.85
CA HIS A 338 -23.74 -21.65 17.99
C HIS A 338 -24.18 -20.36 18.67
N HIS A 339 -25.49 -20.17 18.78
CA HIS A 339 -26.05 -18.97 19.41
C HIS A 339 -26.25 -17.86 18.38
N GLU B 2 -3.52 26.92 -0.84
CA GLU B 2 -3.34 26.42 0.56
C GLU B 2 -4.45 25.49 1.06
N GLN B 3 -5.64 25.51 0.42
CA GLN B 3 -6.68 24.52 0.75
C GLN B 3 -6.30 23.12 0.22
N ILE B 4 -6.74 22.09 0.93
CA ILE B 4 -6.37 20.71 0.60
C ILE B 4 -7.64 19.86 0.61
N SER B 5 -7.93 19.25 -0.54
CA SER B 5 -9.08 18.35 -0.68
C SER B 5 -8.59 16.94 -0.82
N ILE B 6 -9.12 16.06 -0.01
CA ILE B 6 -8.81 14.64 -0.17
C ILE B 6 -9.54 14.01 -1.35
N SER B 7 -9.33 12.72 -1.59
CA SER B 7 -9.91 12.06 -2.80
C SER B 7 -11.39 11.84 -2.68
N SER B 8 -12.08 11.97 -3.81
CA SER B 8 -13.54 11.78 -3.84
C SER B 8 -13.86 10.31 -3.98
N PRO B 9 -15.13 9.92 -3.74
CA PRO B 9 -15.53 8.51 -3.85
C PRO B 9 -15.17 7.98 -5.28
N ARG B 10 -14.78 6.73 -5.39
CA ARG B 10 -14.52 6.15 -6.72
C ARG B 10 -15.81 5.87 -7.54
N LYS B 11 -16.94 5.76 -6.87
CA LYS B 11 -18.26 5.40 -7.45
C LYS B 11 -18.14 4.13 -8.30
N ARG B 12 -17.56 3.07 -7.76
CA ARG B 12 -17.42 1.78 -8.46
C ARG B 12 -17.52 0.80 -7.28
N ILE B 13 -18.13 -0.34 -7.52
CA ILE B 13 -17.90 -1.50 -6.67
C ILE B 13 -17.09 -2.42 -7.56
N TYR B 14 -15.89 -2.79 -7.08
CA TYR B 14 -14.96 -3.66 -7.79
C TYR B 14 -15.37 -5.12 -7.55
N HIS B 15 -15.34 -5.93 -8.62
CA HIS B 15 -15.84 -7.35 -8.54
C HIS B 15 -14.83 -8.29 -7.87
N ASN B 16 -13.55 -7.91 -7.91
CA ASN B 16 -12.48 -8.60 -7.12
C ASN B 16 -11.27 -7.63 -7.03
N ILE B 17 -10.19 -8.04 -6.36
CA ILE B 17 -9.05 -7.12 -6.06
C ILE B 17 -8.30 -6.72 -7.34
N LEU B 18 -8.43 -7.53 -8.40
CA LEU B 18 -7.61 -7.30 -9.63
C LEU B 18 -8.16 -6.09 -10.39
N GLU B 19 -9.47 -5.81 -10.21
CA GLU B 19 -10.06 -4.65 -10.81
C GLU B 19 -9.57 -3.34 -10.17
N THR B 20 -8.92 -3.44 -9.00
CA THR B 20 -8.35 -2.25 -8.32
C THR B 20 -6.93 -1.97 -8.75
N ILE B 21 -6.35 -2.85 -9.59
CA ILE B 21 -5.01 -2.61 -10.19
C ILE B 21 -5.11 -1.41 -11.14
N GLY B 22 -4.07 -0.62 -11.20
CA GLY B 22 -3.88 0.48 -12.21
C GLY B 22 -4.56 1.78 -11.72
N GLY B 23 -4.73 2.75 -12.65
CA GLY B 23 -5.35 4.08 -12.26
C GLY B 23 -4.58 4.63 -11.02
N THR B 24 -3.25 4.51 -11.02
CA THR B 24 -2.39 4.98 -9.90
C THR B 24 -2.22 6.49 -9.99
N PRO B 25 -1.96 7.13 -8.83
CA PRO B 25 -2.03 8.60 -8.82
C PRO B 25 -0.75 9.29 -9.28
N LEU B 26 -0.91 10.39 -9.96
CA LEU B 26 0.20 11.22 -10.35
C LEU B 26 0.31 12.43 -9.44
N VAL B 27 1.47 12.59 -8.73
CA VAL B 27 1.63 13.54 -7.57
C VAL B 27 2.82 14.45 -7.81
N GLU B 28 2.59 15.74 -7.64
CA GLU B 28 3.69 16.71 -7.85
C GLU B 28 4.69 16.61 -6.74
N LEU B 29 5.94 16.64 -7.08
CA LEU B 29 6.98 16.80 -6.09
C LEU B 29 7.20 18.29 -5.79
N HIS B 30 7.43 18.62 -4.54
CA HIS B 30 7.74 20.00 -4.15
C HIS B 30 8.95 20.18 -3.22
N GLY B 31 9.06 19.36 -2.22
CA GLY B 31 10.15 19.40 -1.31
C GLY B 31 11.49 19.24 -1.98
N VAL B 32 11.65 18.18 -2.75
CA VAL B 32 12.98 17.93 -3.35
C VAL B 32 13.22 18.76 -4.60
N THR B 33 12.21 19.48 -5.07
CA THR B 33 12.37 20.29 -6.22
C THR B 33 12.64 21.76 -5.85
N GLU B 34 12.73 22.10 -4.58
CA GLU B 34 12.88 23.51 -4.25
C GLU B 34 14.37 23.75 -4.39
N HIS B 35 14.75 24.23 -5.56
CA HIS B 35 16.18 24.36 -5.87
C HIS B 35 16.33 25.46 -6.85
N PRO B 36 17.29 26.38 -6.61
CA PRO B 36 17.31 27.59 -7.44
C PRO B 36 17.40 27.29 -8.97
N ARG B 37 18.08 26.22 -9.36
CA ARG B 37 18.12 25.85 -10.83
C ARG B 37 16.86 25.19 -11.41
N ILE B 38 15.99 24.62 -10.57
CA ILE B 38 14.77 24.07 -11.14
C ILE B 38 13.79 25.22 -11.25
N LYS B 39 13.42 25.58 -12.45
CA LYS B 39 12.58 26.70 -12.64
C LYS B 39 11.10 26.41 -12.31
N LYS B 40 10.45 27.44 -11.81
CA LYS B 40 9.09 27.39 -11.35
C LYS B 40 8.06 26.71 -12.28
N GLY B 41 8.15 26.95 -13.57
CA GLY B 41 7.25 26.32 -14.51
C GLY B 41 7.51 24.85 -14.84
N THR B 42 8.65 24.35 -14.46
CA THR B 42 9.04 22.94 -14.78
C THR B 42 8.26 22.08 -13.80
N ARG B 43 7.49 21.10 -14.26
CA ARG B 43 6.69 20.30 -13.29
C ARG B 43 7.25 18.92 -13.17
N ILE B 44 7.53 18.48 -11.93
CA ILE B 44 8.12 17.18 -11.68
C ILE B 44 7.06 16.33 -10.91
N LEU B 45 6.52 15.32 -11.60
CA LEU B 45 5.39 14.50 -11.10
C LEU B 45 5.79 13.04 -10.93
N VAL B 46 5.29 12.35 -9.88
CA VAL B 46 5.74 11.03 -9.69
C VAL B 46 4.52 10.16 -9.78
N LYS B 47 4.66 9.00 -10.44
CA LYS B 47 3.43 8.18 -10.63
C LYS B 47 3.62 7.00 -9.65
N LEU B 48 2.72 6.89 -8.68
CA LEU B 48 2.97 6.07 -7.50
C LEU B 48 2.38 4.65 -7.65
N GLU B 49 3.18 3.72 -8.16
CA GLU B 49 2.72 2.43 -8.50
C GLU B 49 2.49 1.54 -7.30
N TYR B 50 2.89 2.02 -6.14
CA TYR B 50 2.65 1.28 -4.91
C TYR B 50 1.20 1.50 -4.47
N PHE B 51 0.41 2.30 -5.23
CA PHE B 51 -1.04 2.34 -4.87
C PHE B 51 -1.77 1.07 -5.40
N ASN B 52 -1.14 0.29 -6.28
CA ASN B 52 -1.66 -1.05 -6.65
C ASN B 52 -1.94 -1.90 -5.41
N PRO B 53 -2.88 -2.88 -5.49
CA PRO B 53 -3.20 -3.58 -4.20
C PRO B 53 -2.03 -4.24 -3.52
N MET B 54 -1.06 -4.85 -4.24
CA MET B 54 0.09 -5.40 -3.50
C MET B 54 1.27 -4.47 -3.51
N SER B 55 1.03 -3.18 -3.72
CA SER B 55 2.06 -2.15 -3.58
C SER B 55 3.20 -2.19 -4.53
N SER B 56 3.04 -2.75 -5.73
CA SER B 56 4.06 -2.46 -6.67
C SER B 56 3.57 -2.44 -8.07
N VAL B 57 4.38 -1.84 -8.96
CA VAL B 57 4.09 -1.84 -10.40
C VAL B 57 3.79 -3.29 -10.93
N ASP B 59 2.05 -5.59 -9.96
CA ASP B 59 0.63 -6.04 -9.91
C ASP B 59 0.10 -6.04 -11.35
N ARG B 60 0.36 -5.00 -12.13
CA ARG B 60 -0.23 -4.93 -13.49
C ARG B 60 0.30 -6.14 -14.33
N VAL B 61 1.59 -6.44 -14.11
CA VAL B 61 2.28 -7.52 -14.83
C VAL B 61 1.78 -8.94 -14.50
N GLY B 62 1.74 -9.30 -13.21
CA GLY B 62 1.28 -10.61 -12.83
C GLY B 62 -0.16 -10.79 -13.29
N PHE B 63 -0.99 -9.75 -13.17
CA PHE B 63 -2.37 -9.80 -13.62
C PHE B 63 -2.47 -10.08 -15.16
N ASN B 64 -1.84 -9.22 -15.95
CA ASN B 64 -1.99 -9.34 -17.42
C ASN B 64 -1.39 -10.67 -17.95
N ILE B 65 -0.32 -11.11 -17.36
CA ILE B 65 0.34 -12.35 -17.86
C ILE B 65 -0.57 -13.54 -17.62
N VAL B 66 -1.17 -13.58 -16.42
CA VAL B 66 -1.95 -14.73 -16.05
C VAL B 66 -3.29 -14.65 -16.74
N TYR B 67 -3.92 -13.48 -16.76
CA TYR B 67 -5.27 -13.37 -17.30
C TYR B 67 -5.20 -13.63 -18.81
N GLN B 68 -4.20 -13.10 -19.50
CA GLN B 68 -4.14 -13.39 -20.92
C GLN B 68 -3.87 -14.86 -21.15
N ALA B 69 -2.99 -15.45 -20.36
CA ALA B 69 -2.68 -16.85 -20.57
C ALA B 69 -3.91 -17.75 -20.39
N ILE B 70 -4.78 -17.39 -19.46
CA ILE B 70 -6.05 -18.08 -19.27
C ILE B 70 -7.00 -17.81 -20.46
N LYS B 71 -7.14 -16.58 -20.90
CA LYS B 71 -7.97 -16.30 -22.04
C LYS B 71 -7.42 -17.02 -23.29
N ASP B 72 -6.10 -17.09 -23.40
CA ASP B 72 -5.36 -17.72 -24.48
C ASP B 72 -5.50 -19.20 -24.61
N GLY B 73 -5.47 -19.93 -23.52
CA GLY B 73 -5.38 -21.34 -23.56
C GLY B 73 -4.05 -21.76 -23.09
N ARG B 74 -3.14 -20.80 -22.91
CA ARG B 74 -1.82 -21.14 -22.41
C ARG B 74 -1.76 -21.53 -20.91
N LEU B 75 -2.78 -21.15 -20.17
CA LEU B 75 -2.94 -21.57 -18.79
C LEU B 75 -4.33 -22.17 -18.65
N LYS B 76 -4.43 -23.38 -18.24
CA LYS B 76 -5.76 -24.02 -18.31
C LYS B 76 -6.01 -24.84 -17.06
N PRO B 77 -7.20 -25.21 -16.81
CA PRO B 77 -7.39 -25.86 -15.50
C PRO B 77 -6.57 -27.12 -15.43
N GLY B 78 -5.87 -27.30 -14.32
CA GLY B 78 -4.99 -28.41 -14.20
C GLY B 78 -3.53 -28.04 -14.21
N MET B 79 -3.16 -26.88 -14.79
CA MET B 79 -1.73 -26.43 -14.78
C MET B 79 -1.37 -25.61 -13.49
N GLU B 80 -0.08 -25.46 -13.16
CA GLU B 80 0.41 -24.51 -12.14
C GLU B 80 1.23 -23.37 -12.79
N ILE B 81 1.46 -22.29 -12.07
CA ILE B 81 2.21 -21.17 -12.58
C ILE B 81 3.63 -21.25 -12.04
N ILE B 82 4.63 -20.88 -12.79
CA ILE B 82 5.94 -20.86 -12.24
C ILE B 82 6.70 -19.70 -12.78
N GLU B 83 7.63 -19.17 -12.00
CA GLU B 83 8.44 -18.02 -12.38
C GLU B 83 9.71 -17.74 -11.54
N SER B 84 10.59 -16.78 -11.93
CA SER B 84 11.77 -16.18 -11.25
C SER B 84 11.72 -14.67 -11.25
N THR B 85 11.96 -14.35 -10.06
CA THR B 85 11.72 -12.92 -9.84
C THR B 85 12.76 -12.19 -8.94
N SER B 86 12.77 -10.88 -8.91
CA SER B 86 13.43 -10.23 -7.79
C SER B 86 12.49 -9.95 -6.61
N GLY B 87 11.25 -10.36 -6.73
CA GLY B 87 10.34 -10.27 -5.64
C GLY B 87 8.96 -9.83 -5.99
N ASN B 88 8.83 -8.64 -6.50
CA ASN B 88 7.53 -8.08 -6.75
C ASN B 88 6.74 -8.89 -7.75
N THR B 89 7.36 -9.33 -8.81
CA THR B 89 6.64 -10.21 -9.77
C THR B 89 6.06 -11.48 -9.11
N GLY B 90 6.81 -12.15 -8.22
CA GLY B 90 6.25 -13.37 -7.60
C GLY B 90 5.00 -13.01 -6.77
N ILE B 91 5.09 -11.87 -6.07
CA ILE B 91 3.96 -11.41 -5.22
C ILE B 91 2.74 -11.12 -6.13
N ALA B 92 2.96 -10.44 -7.27
CA ALA B 92 1.85 -10.10 -8.23
C ALA B 92 1.26 -11.40 -8.81
N LEU B 93 2.09 -12.40 -9.07
CA LEU B 93 1.58 -13.67 -9.64
C LEU B 93 0.81 -14.46 -8.56
N CYS B 94 1.29 -14.42 -7.30
CA CYS B 94 0.50 -14.95 -6.12
C CYS B 94 -0.92 -14.29 -5.97
N GLN B 95 -0.97 -12.97 -6.06
CA GLN B 95 -2.27 -12.25 -6.10
C GLN B 95 -3.18 -12.78 -7.27
N ALA B 96 -2.69 -12.74 -8.51
CA ALA B 96 -3.50 -13.25 -9.64
C ALA B 96 -3.86 -14.74 -9.48
N GLY B 97 -2.91 -15.52 -8.96
CA GLY B 97 -3.09 -16.96 -8.76
C GLY B 97 -4.21 -17.27 -7.75
N ALA B 98 -4.24 -16.49 -6.67
CA ALA B 98 -5.23 -16.64 -5.60
C ALA B 98 -6.61 -16.34 -6.19
N VAL B 99 -6.74 -15.24 -6.93
CA VAL B 99 -8.05 -14.81 -7.50
C VAL B 99 -8.52 -15.83 -8.54
N PHE B 100 -7.68 -16.26 -9.45
CA PHE B 100 -8.06 -17.14 -10.54
C PHE B 100 -8.11 -18.64 -10.17
N GLY B 101 -7.44 -19.02 -9.09
CA GLY B 101 -7.48 -20.33 -8.53
C GLY B 101 -6.37 -21.24 -8.98
N TYR B 102 -5.20 -20.68 -9.23
CA TYR B 102 -4.07 -21.46 -9.68
C TYR B 102 -2.92 -21.40 -8.68
N ARG B 103 -2.20 -22.50 -8.53
CA ARG B 103 -1.07 -22.57 -7.65
C ARG B 103 0.09 -21.85 -8.28
N VAL B 104 1.03 -21.40 -7.49
CA VAL B 104 2.12 -20.60 -7.95
C VAL B 104 3.47 -21.00 -7.33
N ASN B 105 4.50 -21.12 -8.15
CA ASN B 105 5.83 -21.49 -7.66
C ASN B 105 6.85 -20.49 -8.01
N ILE B 106 7.82 -20.26 -7.14
CA ILE B 106 8.73 -19.16 -7.31
C ILE B 106 10.24 -19.44 -6.99
N ALA B 107 11.14 -18.95 -7.85
CA ALA B 107 12.58 -18.77 -7.64
C ALA B 107 13.07 -17.29 -7.65
N MET B 108 13.92 -16.95 -6.66
CA MET B 108 14.34 -15.55 -6.35
C MET B 108 15.75 -15.51 -5.67
N PRO B 109 16.59 -14.51 -5.99
CA PRO B 109 17.88 -14.37 -5.24
C PRO B 109 17.77 -14.21 -3.68
N SER B 110 18.58 -14.99 -2.93
CA SER B 110 18.62 -14.96 -1.44
C SER B 110 18.87 -13.56 -0.87
N THR B 111 19.51 -12.71 -1.67
CA THR B 111 19.90 -11.34 -1.31
C THR B 111 18.74 -10.32 -1.33
N MET B 112 17.67 -10.52 -2.11
CA MET B 112 16.50 -9.64 -2.14
C MET B 112 15.86 -9.52 -0.75
N SER B 113 15.26 -8.37 -0.42
CA SER B 113 14.77 -8.15 0.99
C SER B 113 13.83 -9.30 1.50
N VAL B 114 13.90 -9.57 2.79
CA VAL B 114 13.24 -10.75 3.38
C VAL B 114 11.71 -10.52 3.43
N GLU B 115 11.34 -9.22 3.37
CA GLU B 115 9.92 -8.80 3.28
C GLU B 115 9.29 -9.46 2.07
N ARG B 116 10.00 -9.44 0.92
CA ARG B 116 9.49 -10.11 -0.32
C ARG B 116 9.25 -11.59 -0.06
N GLN B 117 10.20 -12.26 0.61
CA GLN B 117 10.11 -13.72 0.77
C GLN B 117 8.90 -13.96 1.61
N MET B 118 8.70 -13.08 2.63
CA MET B 118 7.64 -13.24 3.58
C MET B 118 6.19 -13.09 2.96
N ILE B 119 6.02 -12.26 1.97
CA ILE B 119 4.68 -12.14 1.44
C ILE B 119 4.22 -13.41 0.69
N MET B 120 5.07 -13.95 -0.16
CA MET B 120 4.75 -15.17 -0.88
C MET B 120 4.57 -16.34 0.08
N LYS B 121 3.51 -17.11 -0.15
CA LYS B 121 3.21 -18.25 0.71
C LYS B 121 1.86 -18.05 1.40
N ALA B 122 1.73 -16.94 2.11
CA ALA B 122 0.48 -16.60 2.79
C ALA B 122 -0.69 -16.65 1.80
N PHE B 123 -0.40 -16.34 0.54
CA PHE B 123 -1.41 -16.37 -0.51
C PHE B 123 -1.68 -17.81 -0.94
N GLY B 124 -0.62 -18.62 -0.97
CA GLY B 124 -0.75 -20.00 -1.33
C GLY B 124 0.32 -20.52 -2.24
N ALA B 125 1.47 -19.82 -2.28
CA ALA B 125 2.59 -20.10 -3.19
C ALA B 125 3.45 -21.14 -2.55
N GLU B 126 4.77 -21.17 -2.96
CA GLU B 126 5.86 -22.23 -2.91
C GLU B 126 7.33 -21.71 -3.28
N LEU B 127 8.24 -21.49 -2.33
CA LEU B 127 9.45 -20.71 -2.68
C LEU B 127 10.81 -21.44 -2.90
N ILE B 128 11.70 -20.84 -3.70
CA ILE B 128 13.09 -21.28 -3.77
C ILE B 128 14.12 -20.19 -4.00
N LEU B 129 14.92 -20.01 -2.99
CA LEU B 129 15.86 -18.92 -2.89
C LEU B 129 17.17 -19.32 -3.47
N THR B 130 17.63 -18.49 -4.35
CA THR B 130 18.88 -18.80 -5.05
C THR B 130 20.11 -17.97 -4.63
N GLU B 131 21.27 -18.28 -5.20
CA GLU B 131 22.48 -17.54 -4.80
C GLU B 131 22.54 -16.07 -5.29
N GLY B 132 22.84 -15.19 -4.35
CA GLY B 132 23.16 -13.80 -4.63
C GLY B 132 24.62 -13.77 -5.05
N LYS B 133 24.81 -13.24 -6.22
CA LYS B 133 26.09 -13.26 -6.77
C LYS B 133 25.68 -13.61 -8.14
N LYS B 134 24.91 -14.69 -8.28
CA LYS B 134 24.36 -15.08 -9.57
C LYS B 134 23.16 -14.24 -9.98
N GLY B 135 22.45 -13.67 -9.03
CA GLY B 135 21.42 -12.73 -9.35
C GLY B 135 20.29 -13.28 -10.20
N MET B 136 19.71 -12.44 -11.03
CA MET B 136 18.53 -12.79 -11.77
C MET B 136 18.79 -13.98 -12.73
N PRO B 137 19.97 -14.03 -13.35
CA PRO B 137 20.31 -15.19 -14.19
C PRO B 137 20.30 -16.52 -13.37
N GLY B 138 20.85 -16.54 -12.16
CA GLY B 138 20.76 -17.72 -11.33
C GLY B 138 19.33 -18.16 -11.04
N ALA B 139 18.45 -17.24 -10.65
CA ALA B 139 17.04 -17.52 -10.54
C ALA B 139 16.50 -18.14 -11.82
N ILE B 140 16.75 -17.51 -12.95
CA ILE B 140 16.26 -18.02 -14.21
C ILE B 140 16.69 -19.48 -14.48
N GLU B 141 17.98 -19.75 -14.25
CA GLU B 141 18.50 -21.10 -14.38
C GLU B 141 17.76 -22.04 -13.44
N GLU B 142 17.57 -21.59 -12.20
CA GLU B 142 16.80 -22.36 -11.23
C GLU B 142 15.48 -22.78 -11.85
N VAL B 143 14.74 -21.79 -12.35
CA VAL B 143 13.50 -22.07 -13.07
C VAL B 143 13.59 -23.11 -14.21
N ASN B 144 14.65 -23.08 -15.01
CA ASN B 144 14.70 -23.92 -16.23
C ASN B 144 14.81 -25.36 -15.84
N LYS B 145 15.64 -25.54 -14.83
CA LYS B 145 15.89 -26.75 -14.08
C LYS B 145 14.61 -27.45 -13.77
N MET B 146 13.85 -26.74 -12.93
CA MET B 146 12.48 -27.09 -12.58
C MET B 146 11.59 -27.55 -13.76
N ILE B 147 11.33 -26.71 -14.75
CA ILE B 147 10.57 -27.21 -15.88
C ILE B 147 11.26 -28.38 -16.61
N LYS B 148 12.56 -28.28 -16.83
CA LYS B 148 13.20 -29.13 -17.84
C LYS B 148 12.33 -30.38 -18.12
N GLU B 149 12.44 -31.31 -17.17
CA GLU B 149 11.69 -32.55 -17.11
C GLU B 149 10.27 -32.47 -17.52
N ASN B 150 9.44 -32.75 -16.53
CA ASN B 150 8.06 -32.30 -16.46
C ASN B 150 7.20 -32.51 -17.67
N PRO B 151 5.96 -32.13 -17.50
CA PRO B 151 5.06 -32.23 -18.61
C PRO B 151 4.71 -30.87 -18.96
N GLY B 152 3.68 -30.86 -19.75
CA GLY B 152 2.79 -29.78 -20.14
C GLY B 152 1.89 -29.32 -19.01
N LYS B 153 2.47 -29.34 -17.82
CA LYS B 153 1.83 -28.97 -16.56
C LYS B 153 1.98 -27.48 -16.10
N TYR B 154 3.13 -26.87 -16.44
CA TYR B 154 3.47 -25.50 -16.00
C TYR B 154 3.34 -24.48 -17.07
N PHE B 155 2.74 -23.34 -16.67
CA PHE B 155 2.81 -22.13 -17.44
C PHE B 155 3.93 -21.26 -16.85
N VAL B 156 4.90 -20.90 -17.69
CA VAL B 156 6.00 -20.12 -17.24
C VAL B 156 5.68 -18.63 -17.53
N ALA B 157 5.60 -17.84 -16.47
CA ALA B 157 5.32 -16.36 -16.64
C ALA B 157 6.33 -15.69 -17.56
N ASN B 158 7.62 -15.97 -17.40
CA ASN B 158 8.63 -15.49 -18.42
C ASN B 158 8.66 -13.98 -18.51
N GLN B 159 8.84 -13.29 -17.36
CA GLN B 159 8.53 -11.82 -17.31
C GLN B 159 9.51 -11.00 -18.16
N PHE B 160 10.72 -11.53 -18.40
CA PHE B 160 11.68 -10.79 -19.24
C PHE B 160 11.47 -10.97 -20.72
N GLY B 161 10.69 -11.98 -21.12
CA GLY B 161 10.48 -12.26 -22.56
C GLY B 161 9.01 -12.20 -22.93
N ASN B 162 8.14 -12.00 -21.95
CA ASN B 162 6.69 -12.07 -22.27
C ASN B 162 6.09 -10.71 -22.67
N PRO B 163 5.57 -10.57 -23.93
CA PRO B 163 5.01 -9.27 -24.35
C PRO B 163 3.75 -8.80 -23.58
N ASP B 164 3.10 -9.69 -22.82
CA ASP B 164 2.00 -9.32 -21.97
C ASP B 164 2.45 -8.47 -20.77
N ASN B 165 3.72 -8.54 -20.45
CA ASN B 165 4.39 -7.64 -19.54
C ASN B 165 4.33 -6.22 -20.12
N THR B 166 5.08 -6.03 -21.17
CA THR B 166 5.06 -4.77 -21.92
C THR B 166 3.67 -4.24 -22.17
N ALA B 167 2.74 -5.08 -22.64
CA ALA B 167 1.41 -4.54 -23.05
C ALA B 167 0.57 -4.05 -21.84
N ALA B 168 0.86 -4.58 -20.67
CA ALA B 168 0.13 -4.10 -19.44
C ALA B 168 0.38 -2.61 -19.23
N HIS B 169 1.53 -2.12 -19.68
CA HIS B 169 1.94 -0.74 -19.57
C HIS B 169 1.41 0.20 -20.62
N HIS B 170 0.62 -0.34 -21.56
CA HIS B 170 -0.29 0.56 -22.33
C HIS B 170 -1.30 1.29 -21.48
N TYR B 171 -1.75 0.67 -20.40
CA TYR B 171 -2.62 1.34 -19.43
C TYR B 171 -1.85 2.37 -18.64
N THR B 172 -0.64 2.00 -18.23
CA THR B 172 0.23 2.96 -17.53
C THR B 172 0.41 4.22 -18.37
N ALA B 173 0.66 4.08 -19.67
CA ALA B 173 0.87 5.18 -20.57
C ALA B 173 -0.40 6.03 -20.71
N ASN B 174 -1.55 5.37 -20.94
CA ASN B 174 -2.85 6.12 -21.05
C ASN B 174 -3.16 6.94 -19.79
N GLU B 175 -2.85 6.36 -18.61
CA GLU B 175 -3.02 7.12 -17.36
C GLU B 175 -2.12 8.34 -17.31
N ILE B 176 -0.87 8.22 -17.72
CA ILE B 176 0.01 9.40 -17.78
C ILE B 176 -0.52 10.47 -18.76
N TRP B 177 -0.94 10.03 -19.95
CA TRP B 177 -1.54 10.92 -20.98
C TRP B 177 -2.77 11.67 -20.48
N GLU B 178 -3.71 10.97 -19.89
CA GLU B 178 -4.95 11.59 -19.45
C GLU B 178 -4.71 12.41 -18.24
N ASP B 179 -3.95 11.88 -17.28
CA ASP B 179 -3.72 12.66 -16.07
C ASP B 179 -2.97 13.95 -16.39
N THR B 180 -2.07 13.99 -17.36
CA THR B 180 -1.38 15.26 -17.59
C THR B 180 -2.09 16.11 -18.66
N ASP B 181 -3.26 15.64 -19.11
CA ASP B 181 -4.01 16.22 -20.22
C ASP B 181 -3.15 16.38 -21.45
N GLY B 182 -2.40 15.38 -21.83
CA GLY B 182 -1.52 15.49 -22.97
C GLY B 182 -0.29 16.37 -22.82
N GLU B 183 0.00 16.85 -21.61
CA GLU B 183 1.15 17.78 -21.41
C GLU B 183 2.48 17.09 -21.10
N VAL B 184 2.46 15.83 -20.75
CA VAL B 184 3.75 15.13 -20.45
C VAL B 184 4.77 15.38 -21.54
N ASP B 185 6.02 15.70 -21.15
CA ASP B 185 7.10 15.88 -22.10
C ASP B 185 8.22 14.79 -22.01
N ILE B 186 8.47 14.30 -20.79
CA ILE B 186 9.58 13.41 -20.49
C ILE B 186 9.07 12.34 -19.52
N VAL B 187 9.38 11.06 -19.80
CA VAL B 187 9.03 10.02 -18.82
C VAL B 187 10.36 9.38 -18.39
N VAL B 188 10.54 9.13 -17.10
CA VAL B 188 11.77 8.52 -16.58
C VAL B 188 11.35 7.25 -15.89
N SER B 189 12.00 6.17 -16.26
CA SER B 189 11.64 4.85 -15.69
C SER B 189 12.90 4.05 -15.41
N ALA B 190 13.08 3.67 -14.15
CA ALA B 190 14.16 2.73 -13.81
C ALA B 190 13.85 1.32 -14.35
N VAL B 191 14.87 0.67 -14.94
CA VAL B 191 14.60 -0.55 -15.76
C VAL B 191 14.96 -1.88 -15.09
N GLY B 192 13.98 -2.79 -14.95
CA GLY B 192 14.21 -4.14 -14.46
C GLY B 192 13.94 -5.12 -15.56
N THR B 193 12.65 -5.42 -15.78
CA THR B 193 12.28 -6.18 -16.97
C THR B 193 12.27 -5.35 -18.24
N SER B 194 12.08 -4.03 -18.08
CA SER B 194 11.88 -2.96 -19.11
C SER B 194 10.46 -2.94 -19.66
N GLY B 195 9.59 -3.74 -19.10
CA GLY B 195 8.18 -3.67 -19.60
C GLY B 195 7.57 -2.28 -19.38
N THR B 196 7.84 -1.63 -18.23
CA THR B 196 7.28 -0.25 -18.03
C THR B 196 7.82 0.76 -19.09
N VAL B 197 9.14 0.84 -19.22
CA VAL B 197 9.75 1.88 -20.08
C VAL B 197 9.31 1.65 -21.51
N ILE B 198 9.25 0.38 -21.96
CA ILE B 198 8.92 0.14 -23.38
C ILE B 198 7.42 0.24 -23.61
N GLY B 199 6.64 -0.37 -22.71
CA GLY B 199 5.19 -0.30 -22.86
C GLY B 199 4.68 1.10 -22.82
N VAL B 200 5.19 1.86 -21.84
CA VAL B 200 4.84 3.31 -21.77
C VAL B 200 5.29 4.08 -23.04
N ALA B 201 6.51 3.85 -23.46
CA ALA B 201 7.08 4.54 -24.63
C ALA B 201 6.28 4.23 -25.89
N GLU B 202 5.96 2.96 -26.11
CA GLU B 202 5.33 2.67 -27.37
C GLU B 202 3.88 3.22 -27.44
N LYS B 203 3.15 3.23 -26.33
CA LYS B 203 1.83 3.80 -26.26
C LYS B 203 1.86 5.32 -26.28
N LEU B 204 2.85 5.95 -25.61
CA LEU B 204 2.93 7.41 -25.65
C LEU B 204 3.35 7.92 -27.05
N LYS B 205 4.20 7.17 -27.77
CA LYS B 205 4.63 7.58 -29.12
C LYS B 205 3.44 7.51 -30.08
N GLU B 206 2.51 6.62 -29.84
CA GLU B 206 1.26 6.71 -30.56
C GLU B 206 0.48 7.94 -30.25
N LYS B 207 0.73 8.55 -29.07
CA LYS B 207 0.02 9.78 -28.72
C LYS B 207 0.69 11.07 -29.21
N LYS B 208 2.01 11.12 -29.19
CA LYS B 208 2.75 12.35 -29.47
C LYS B 208 4.21 11.94 -29.71
N LYS B 209 4.77 12.21 -30.88
CA LYS B 209 6.14 11.68 -31.21
C LYS B 209 7.31 12.26 -30.38
N GLY B 210 7.19 13.51 -29.97
CA GLY B 210 8.32 14.15 -29.34
C GLY B 210 8.51 13.89 -27.83
N ILE B 211 7.76 12.98 -27.22
CA ILE B 211 7.97 12.69 -25.81
C ILE B 211 9.31 12.04 -25.56
N LYS B 212 10.10 12.59 -24.65
CA LYS B 212 11.43 12.01 -24.45
C LYS B 212 11.32 10.86 -23.39
N ILE B 213 11.84 9.68 -23.72
CA ILE B 213 11.78 8.51 -22.81
C ILE B 213 13.18 8.23 -22.25
N ILE B 214 13.29 8.11 -20.95
CA ILE B 214 14.59 8.01 -20.32
C ILE B 214 14.62 6.76 -19.45
N ALA B 215 15.53 5.83 -19.76
CA ALA B 215 15.73 4.65 -18.90
C ALA B 215 16.77 4.93 -17.84
N VAL B 216 16.62 4.29 -16.68
CA VAL B 216 17.59 4.49 -15.63
C VAL B 216 18.07 3.10 -15.16
N GLU B 217 19.37 2.99 -14.87
CA GLU B 217 19.94 1.72 -14.43
C GLU B 217 21.06 2.00 -13.44
N PRO B 218 21.55 0.96 -12.71
CA PRO B 218 22.59 1.23 -11.67
C PRO B 218 23.90 1.54 -12.37
N GLU B 219 24.63 2.55 -11.87
CA GLU B 219 25.95 2.75 -12.44
C GLU B 219 26.89 1.53 -12.36
N GLU B 220 26.65 0.68 -11.39
CA GLU B 220 27.43 -0.50 -11.12
C GLU B 220 27.05 -1.73 -11.96
N SER B 221 26.00 -1.61 -12.75
CA SER B 221 25.60 -2.66 -13.64
C SER B 221 24.88 -2.09 -14.86
N ALA B 222 25.59 -1.23 -15.58
CA ALA B 222 25.04 -0.45 -16.66
C ALA B 222 24.91 -1.19 -18.02
N VAL B 223 24.20 -2.29 -17.98
CA VAL B 223 24.08 -3.22 -19.06
C VAL B 223 23.36 -2.63 -20.28
N LEU B 224 22.37 -1.79 -20.06
CA LEU B 224 21.74 -1.14 -21.20
C LEU B 224 22.75 -0.26 -21.97
N GLU B 225 23.68 0.33 -21.26
CA GLU B 225 24.67 1.22 -21.89
C GLU B 225 25.85 0.40 -22.43
N GLY B 226 25.85 -0.91 -22.25
CA GLY B 226 26.82 -1.77 -22.92
C GLY B 226 27.88 -2.24 -21.95
N LYS B 227 27.74 -1.91 -20.65
CA LYS B 227 28.70 -2.39 -19.65
C LYS B 227 28.35 -3.82 -19.26
N ALA B 228 29.13 -4.43 -18.36
CA ALA B 228 28.82 -5.76 -17.93
C ALA B 228 28.01 -5.76 -16.63
N LYS B 229 27.43 -6.92 -16.34
CA LYS B 229 26.72 -7.18 -15.09
C LYS B 229 27.70 -7.00 -13.96
N GLY B 230 27.32 -6.24 -12.94
CA GLY B 230 28.17 -6.07 -11.79
C GLY B 230 27.29 -6.00 -10.55
N PRO B 231 27.94 -6.09 -9.35
CA PRO B 231 27.18 -6.11 -8.06
C PRO B 231 26.61 -4.72 -7.78
N HIS B 232 25.35 -4.61 -7.40
CA HIS B 232 24.87 -3.27 -7.14
C HIS B 232 23.86 -3.47 -6.10
N GLY B 233 23.33 -2.38 -5.54
CA GLY B 233 22.29 -2.53 -4.55
C GLY B 233 20.96 -1.84 -4.84
N ILE B 234 20.63 -1.55 -6.12
CA ILE B 234 19.32 -0.97 -6.36
C ILE B 234 18.31 -2.08 -6.60
N GLN B 235 17.76 -2.59 -5.50
CA GLN B 235 16.79 -3.67 -5.62
C GLN B 235 15.61 -3.38 -6.55
N GLY B 236 15.34 -4.33 -7.41
CA GLY B 236 14.28 -4.29 -8.36
C GLY B 236 14.65 -3.94 -9.77
N ILE B 237 15.88 -3.46 -9.97
CA ILE B 237 16.46 -3.14 -11.26
C ILE B 237 17.85 -3.78 -11.54
N GLY B 238 18.53 -3.37 -12.59
CA GLY B 238 19.83 -4.06 -12.85
C GLY B 238 19.75 -5.57 -12.91
N ALA B 239 19.02 -6.08 -13.91
CA ALA B 239 18.86 -7.54 -14.10
C ALA B 239 20.19 -8.23 -14.45
N GLY B 240 21.13 -7.48 -15.02
CA GLY B 240 22.42 -8.05 -15.40
C GLY B 240 22.47 -8.52 -16.84
N PHE B 241 21.40 -8.28 -17.66
CA PHE B 241 21.32 -8.65 -19.11
C PHE B 241 20.31 -7.72 -19.73
N ILE B 242 20.21 -7.75 -21.04
CA ILE B 242 19.25 -6.90 -21.70
C ILE B 242 18.03 -7.77 -21.91
N PRO B 243 16.89 -7.43 -21.30
CA PRO B 243 15.73 -8.35 -21.41
C PRO B 243 15.29 -8.47 -22.88
N ASP B 244 14.72 -9.62 -23.23
CA ASP B 244 14.29 -9.82 -24.64
C ASP B 244 13.13 -8.88 -25.00
N ILE B 245 12.40 -8.38 -24.00
CA ILE B 245 11.33 -7.41 -24.34
C ILE B 245 11.77 -5.98 -24.52
N TYR B 246 13.06 -5.71 -24.23
CA TYR B 246 13.61 -4.38 -24.37
C TYR B 246 13.68 -3.98 -25.83
N LYS B 247 13.24 -2.75 -26.13
CA LYS B 247 13.32 -2.28 -27.53
C LYS B 247 14.04 -0.94 -27.55
N LYS B 248 15.33 -0.92 -27.87
CA LYS B 248 16.16 0.25 -27.71
C LYS B 248 15.70 1.46 -28.54
N GLU B 249 14.99 1.21 -29.65
CA GLU B 249 14.57 2.34 -30.51
C GLU B 249 13.53 3.21 -29.80
N PHE B 250 12.91 2.67 -28.75
CA PHE B 250 11.91 3.44 -28.02
C PHE B 250 12.51 4.31 -26.88
N VAL B 251 13.78 4.09 -26.58
CA VAL B 251 14.40 4.78 -25.45
C VAL B 251 15.34 5.86 -26.01
N ASP B 252 15.13 7.11 -25.58
CA ASP B 252 15.96 8.23 -26.00
C ASP B 252 17.27 8.38 -25.27
N GLU B 253 17.28 8.19 -23.95
CA GLU B 253 18.54 8.37 -23.22
C GLU B 253 18.58 7.37 -22.07
N ILE B 254 19.76 6.92 -21.66
CA ILE B 254 19.90 6.01 -20.50
C ILE B 254 20.71 6.74 -19.48
N ILE B 255 20.19 6.88 -18.25
CA ILE B 255 20.93 7.47 -17.12
C ILE B 255 21.38 6.45 -16.07
N PRO B 256 22.69 6.35 -15.84
CA PRO B 256 23.24 5.50 -14.76
C PRO B 256 23.19 6.22 -13.44
N ILE B 257 22.80 5.53 -12.38
CA ILE B 257 22.69 6.22 -11.07
C ILE B 257 23.43 5.34 -10.09
N LYS B 258 24.33 5.92 -9.28
CA LYS B 258 24.98 5.09 -8.26
C LYS B 258 24.02 4.56 -7.19
N THR B 259 24.23 3.33 -6.76
CA THR B 259 23.41 2.68 -5.70
C THR B 259 23.25 3.59 -4.46
N GLN B 260 24.38 4.12 -3.98
CA GLN B 260 24.32 4.99 -2.77
C GLN B 260 23.49 6.25 -2.99
N ASP B 261 23.60 6.83 -4.19
CA ASP B 261 22.83 8.00 -4.53
C ASP B 261 21.31 7.73 -4.67
N ALA B 262 20.95 6.59 -5.28
CA ALA B 262 19.53 6.13 -5.36
C ALA B 262 18.99 6.07 -3.95
N TRP B 263 19.74 5.47 -3.02
CA TRP B 263 19.21 5.33 -1.67
C TRP B 263 19.11 6.64 -0.99
N LYS B 264 20.13 7.46 -1.16
CA LYS B 264 20.07 8.79 -0.55
C LYS B 264 18.96 9.66 -1.09
N MET B 265 18.69 9.57 -2.41
CA MET B 265 17.52 10.31 -2.95
C MET B 265 16.20 9.86 -2.30
N ALA B 266 16.03 8.57 -2.12
CA ALA B 266 14.84 8.02 -1.55
C ALA B 266 14.66 8.53 -0.13
N ARG B 267 15.76 8.63 0.58
CA ARG B 267 15.72 9.20 1.89
C ARG B 267 15.18 10.64 1.88
N ALA B 268 15.65 11.43 0.95
CA ALA B 268 15.25 12.79 0.80
C ALA B 268 13.79 12.92 0.39
N VAL B 269 13.33 12.08 -0.54
CA VAL B 269 11.90 12.16 -0.99
C VAL B 269 10.93 11.92 0.20
N VAL B 270 11.18 10.87 1.00
CA VAL B 270 10.23 10.65 2.14
C VAL B 270 10.36 11.78 3.16
N LYS B 271 11.55 12.30 3.37
CA LYS B 271 11.68 13.40 4.36
C LYS B 271 11.04 14.74 3.87
N TYR B 272 11.30 15.16 2.62
CA TYR B 272 10.88 16.46 2.21
C TYR B 272 9.54 16.55 1.44
N ASP B 273 9.09 15.43 0.89
CA ASP B 273 7.77 15.35 0.26
C ASP B 273 6.79 14.40 0.97
N GLY B 274 7.26 13.63 1.95
CA GLY B 274 6.35 12.70 2.66
C GLY B 274 5.88 11.54 1.80
N ILE B 275 6.70 11.21 0.81
CA ILE B 275 6.41 10.14 -0.10
C ILE B 275 7.41 9.01 0.13
N MET B 276 6.90 7.84 0.59
CA MET B 276 7.82 6.76 1.02
C MET B 276 8.21 5.79 -0.12
N CYS B 277 9.00 6.30 -1.07
CA CYS B 277 9.36 5.53 -2.25
C CYS B 277 10.50 4.54 -1.98
N GLY B 278 10.58 3.51 -2.82
CA GLY B 278 11.61 2.46 -2.70
C GLY B 278 12.91 2.93 -3.35
N MET B 279 13.83 1.99 -3.45
CA MET B 279 15.21 2.23 -3.86
C MET B 279 15.31 2.62 -5.34
N SER B 280 14.62 1.87 -6.18
CA SER B 280 14.67 2.12 -7.61
C SER B 280 13.93 3.44 -7.93
N SER B 281 12.90 3.84 -7.14
CA SER B 281 12.33 5.15 -7.21
C SER B 281 13.33 6.27 -6.92
N GLY B 282 14.19 6.06 -5.94
CA GLY B 282 15.22 7.08 -5.68
C GLY B 282 16.11 7.22 -6.94
N ALA B 283 16.48 6.15 -7.61
CA ALA B 283 17.28 6.27 -8.86
C ALA B 283 16.51 7.08 -9.91
N ALA B 284 15.24 6.71 -10.13
CA ALA B 284 14.39 7.33 -11.16
C ALA B 284 14.20 8.82 -10.83
N ILE B 285 14.03 9.12 -9.55
CA ILE B 285 13.70 10.51 -9.21
C ILE B 285 14.97 11.34 -9.34
N LEU B 286 16.11 10.78 -8.93
CA LEU B 286 17.34 11.61 -9.08
C LEU B 286 17.61 11.88 -10.55
N ALA B 287 17.50 10.83 -11.39
CA ALA B 287 17.52 11.08 -12.86
C ALA B 287 16.57 12.18 -13.34
N GLY B 288 15.35 12.21 -12.79
CA GLY B 288 14.33 13.17 -13.23
C GLY B 288 14.72 14.56 -12.74
N LEU B 289 15.31 14.64 -11.54
CA LEU B 289 15.73 15.94 -11.04
C LEU B 289 16.90 16.50 -11.86
N LYS B 290 17.83 15.63 -12.22
CA LYS B 290 18.94 15.97 -13.13
C LYS B 290 18.42 16.49 -14.48
N GLU B 291 17.37 15.86 -15.03
CA GLU B 291 16.61 16.48 -16.17
C GLU B 291 15.98 17.83 -15.89
N ALA B 292 15.41 18.02 -14.69
CA ALA B 292 14.70 19.26 -14.39
C ALA B 292 15.63 20.50 -14.21
N GLU B 293 16.93 20.27 -13.99
CA GLU B 293 17.81 21.42 -13.86
C GLU B 293 18.43 21.84 -15.20
N LYS B 294 18.16 21.09 -16.29
CA LYS B 294 18.73 21.41 -17.61
C LYS B 294 18.00 22.60 -18.18
N PRO B 295 18.75 23.64 -18.65
CA PRO B 295 17.98 24.78 -19.19
C PRO B 295 17.06 24.44 -20.37
N GLU B 296 17.44 23.52 -21.27
CA GLU B 296 16.49 23.16 -22.35
C GLU B 296 15.17 22.49 -21.86
N ASN B 297 15.08 22.10 -20.57
CA ASN B 297 13.82 21.48 -20.06
C ASN B 297 12.94 22.45 -19.27
N GLU B 298 13.33 23.73 -19.24
CA GLU B 298 12.51 24.73 -18.52
C GLU B 298 11.03 24.66 -18.92
N GLY B 299 10.13 24.56 -17.95
CA GLY B 299 8.71 24.61 -18.26
C GLY B 299 8.13 23.24 -18.67
N LYS B 300 8.98 22.24 -18.91
CA LYS B 300 8.50 20.91 -19.30
C LYS B 300 7.81 20.16 -18.14
N THR B 301 7.00 19.18 -18.52
CA THR B 301 6.35 18.29 -17.57
C THR B 301 7.06 16.94 -17.59
N ILE B 302 7.70 16.64 -16.46
CA ILE B 302 8.51 15.45 -16.33
C ILE B 302 7.75 14.43 -15.40
N VAL B 303 7.50 13.25 -15.92
CA VAL B 303 6.76 12.22 -15.17
C VAL B 303 7.78 11.09 -14.84
N ILE B 304 7.83 10.70 -13.56
CA ILE B 304 8.83 9.73 -13.08
C ILE B 304 8.09 8.52 -12.49
N ILE B 305 8.38 7.31 -12.94
CA ILE B 305 7.67 6.14 -12.40
C ILE B 305 8.25 5.83 -11.01
N VAL B 306 7.38 5.65 -10.00
CA VAL B 306 7.78 5.17 -8.66
C VAL B 306 7.25 3.73 -8.46
N PRO B 307 8.14 2.70 -8.60
CA PRO B 307 7.62 1.37 -8.69
C PRO B 307 7.22 0.69 -7.37
N SER B 308 7.68 1.16 -6.23
CA SER B 308 7.47 0.45 -4.98
C SER B 308 7.62 1.42 -3.82
N CYS B 309 7.33 1.02 -2.46
CA CYS B 309 7.23 1.75 -1.21
C CYS B 309 8.43 1.31 -0.39
N GLY B 310 8.97 2.33 0.18
CA GLY B 310 10.07 1.99 1.14
C GLY B 310 9.80 0.94 2.24
N GLU B 311 8.65 0.65 2.64
CA GLU B 311 8.32 -0.34 3.68
C GLU B 311 8.63 -1.85 3.36
N ARG B 312 8.87 -2.03 2.01
CA ARG B 312 9.26 -3.39 1.61
C ARG B 312 10.78 -3.52 1.73
N TYR B 313 11.43 -2.46 2.21
CA TYR B 313 12.91 -2.39 2.29
C TYR B 313 13.46 -2.15 3.69
N LEU B 314 12.59 -2.29 4.68
CA LEU B 314 13.01 -1.93 6.04
C LEU B 314 14.23 -2.79 6.50
N SER B 315 14.27 -4.05 6.05
CA SER B 315 15.37 -4.98 6.43
C SER B 315 16.67 -4.66 5.68
N THR B 316 16.67 -3.70 4.76
CA THR B 316 17.87 -3.43 3.94
C THR B 316 18.59 -2.27 4.62
N ASP B 317 19.63 -1.73 3.98
CA ASP B 317 20.30 -0.49 4.42
C ASP B 317 19.70 0.85 3.88
N LEU B 318 18.58 0.79 3.15
CA LEU B 318 17.93 2.02 2.65
C LEU B 318 17.92 3.14 3.72
N TYR B 319 17.37 2.83 4.89
CA TYR B 319 17.22 3.89 5.92
C TYR B 319 18.33 3.80 7.01
N LYS B 320 19.41 3.08 6.71
CA LYS B 320 20.55 2.98 7.64
C LYS B 320 21.32 4.30 7.79
N ILE B 321 22.02 4.75 6.74
CA ILE B 321 22.90 5.91 6.91
C ILE B 321 22.11 7.17 7.06
N LYS B 322 22.63 8.09 7.89
CA LYS B 322 21.94 9.35 8.12
C LYS B 322 22.72 10.43 7.39
N ASP B 323 22.03 11.14 6.52
CA ASP B 323 22.67 12.18 5.74
C ASP B 323 22.88 13.44 6.60
N GLU B 324 24.02 14.10 6.38
CA GLU B 324 24.34 15.34 7.05
C GLU B 324 23.86 16.46 6.18
N GLY B 325 23.59 17.61 6.80
CA GLY B 325 23.35 18.84 6.06
C GLY B 325 21.90 19.25 6.09
N THR B 326 21.64 20.49 5.66
CA THR B 326 20.28 20.95 5.37
C THR B 326 19.70 20.27 4.10
N LYS B 327 18.44 20.58 3.77
CA LYS B 327 17.81 20.12 2.57
C LYS B 327 18.65 20.56 1.37
N ILE B 328 19.00 21.85 1.30
CA ILE B 328 19.75 22.35 0.15
C ILE B 328 21.13 21.68 -0.03
N GLN B 329 21.81 21.39 1.08
CA GLN B 329 23.08 20.63 1.11
C GLN B 329 22.88 19.26 0.49
N ILE B 330 21.82 18.57 0.92
CA ILE B 330 21.59 17.18 0.51
C ILE B 330 21.30 17.14 -1.00
N LEU B 331 20.48 18.07 -1.46
CA LEU B 331 20.16 18.18 -2.87
C LEU B 331 21.37 18.53 -3.76
N ASP B 332 22.19 19.48 -3.26
CA ASP B 332 23.47 19.80 -3.90
C ASP B 332 24.35 18.60 -3.97
N SER B 333 24.42 17.82 -2.88
CA SER B 333 25.29 16.66 -2.98
C SER B 333 24.75 15.63 -3.99
N LEU B 334 23.43 15.58 -4.19
CA LEU B 334 22.86 14.63 -5.15
C LEU B 334 23.09 15.13 -6.58
N LEU B 335 22.92 16.43 -6.81
CA LEU B 335 22.97 16.96 -8.19
C LEU B 335 24.37 17.15 -8.76
N ASN B 336 25.39 17.14 -7.91
CA ASN B 336 26.76 17.43 -8.34
C ASN B 336 27.73 16.27 -8.23
#